data_7PBK
#
_entry.id   7PBK
#
_cell.length_a   120.160
_cell.length_b   158.440
_cell.length_c   79.950
_cell.angle_alpha   90.000
_cell.angle_beta   90.000
_cell.angle_gamma   90.000
#
_symmetry.space_group_name_H-M   'P 21 21 2'
#
loop_
_entity.id
_entity.type
_entity.pdbx_description
1 polymer 'DNA polymerase I'
2 water water
#
_entity_poly.entity_id   1
_entity_poly.type   'polypeptide(L)'
_entity_poly.pdbx_seq_one_letter_code
;MAHHHHHHSAARLMKLDWERTGRRMGFIDLSKYEVWSYDTECTGLQYKVDKVFGFSIATPDGQSGYFDVREQPESLQWLA
EQVEPYKGTIVCHNASFDYRMSLHSGIKLPLSQIDDTGIRACCINEHESTIFPWTRGRAGDYSLDYLAKKYVGAQKYAEI
YDELAALFGGKATRKTQMPNLYRAPSGLVRKYACPDAELTLELWLEQEELIKKRGLERIVAFERKVMPTLIRTEARGVRV
DLDYAEQAIFKMDGVVRENQAKMFALAGREFNPNSPKQVREVFGAKEEGGVWKSRDGTILERTATGNPCLDADALRSMTD
PLAAAVLELRSNIKTKDTFLAKHVVEHSVGGRVYPNINQMKGEDGGTGTGRLSYTGPALQQIPSRNKRIAAIIKPAFLPE
EGQLWLDSDMASFEVRIFAHLVAAYNPAIAKAYAENPELDLHQWVGDLMGIPRNASYSGQPNAKQMNLGMIFNRGDGAVA
DSLGMPWEWCEFTDKKGELIRYKKAGREAKSIIAAYHSQIQGVKTLATRAQKIAEERGWIQTAHGRRLRFPNGYKSYKAS
GILIQATAADENKENWLRIEDALGSDGSMILNTHDSYSMSVDENWKPIWERVKKAVERQTLRVPLLLEFDGVGKNWAEAK
GLIDVH
;
_entity_poly.pdbx_strand_id   A,B
#
# COMPACT_ATOMS: atom_id res chain seq x y z
N ARG A 12 -27.90 -39.60 8.10
CA ARG A 12 -29.12 -39.28 7.37
C ARG A 12 -28.84 -39.16 5.86
N LEU A 13 -28.23 -40.21 5.30
CA LEU A 13 -27.88 -40.31 3.87
C LEU A 13 -26.88 -39.21 3.50
N MET A 14 -25.64 -39.42 3.97
CA MET A 14 -24.53 -38.53 3.69
C MET A 14 -23.27 -39.37 3.45
N LYS A 15 -22.32 -38.75 2.75
CA LYS A 15 -21.05 -39.42 2.43
C LYS A 15 -20.32 -39.81 3.70
N LEU A 16 -20.05 -38.84 4.59
CA LEU A 16 -19.47 -39.03 5.92
C LEU A 16 -20.53 -39.04 7.01
N ASP A 17 -20.19 -39.65 8.14
CA ASP A 17 -21.01 -39.56 9.35
C ASP A 17 -20.24 -38.71 10.36
N TRP A 18 -20.58 -37.42 10.42
CA TRP A 18 -19.82 -36.45 11.19
C TRP A 18 -19.96 -36.68 12.70
N GLU A 19 -21.11 -37.19 13.16
CA GLU A 19 -21.29 -37.39 14.59
C GLU A 19 -20.39 -38.51 15.12
N ARG A 20 -20.05 -39.50 14.28
CA ARG A 20 -19.08 -40.50 14.70
C ARG A 20 -17.67 -39.90 14.74
N THR A 21 -17.25 -39.29 13.63
CA THR A 21 -15.83 -39.01 13.41
C THR A 21 -15.42 -37.57 13.68
N GLY A 22 -16.33 -36.59 13.61
CA GLY A 22 -15.96 -35.20 13.59
C GLY A 22 -16.00 -34.53 14.95
N ARG A 23 -15.72 -33.21 14.94
CA ARG A 23 -15.80 -32.25 16.04
C ARG A 23 -14.61 -32.29 17.00
N ARG A 24 -13.59 -33.14 16.76
CA ARG A 24 -12.48 -33.26 17.70
C ARG A 24 -11.12 -33.16 17.02
N MET A 25 -11.07 -32.68 15.77
CA MET A 25 -9.83 -32.58 15.01
C MET A 25 -8.86 -31.57 15.64
N GLY A 26 -7.58 -31.87 15.54
CA GLY A 26 -6.54 -31.01 16.06
C GLY A 26 -5.60 -30.60 14.95
N PHE A 27 -4.35 -30.30 15.34
CA PHE A 27 -3.38 -29.73 14.42
C PHE A 27 -2.88 -30.80 13.44
N ILE A 28 -3.83 -31.44 12.77
CA ILE A 28 -3.56 -32.50 11.80
C ILE A 28 -2.86 -31.91 10.59
N ASP A 29 -2.39 -32.77 9.68
CA ASP A 29 -1.68 -32.34 8.48
C ASP A 29 -2.69 -32.19 7.34
N LEU A 30 -2.87 -30.96 6.87
CA LEU A 30 -3.90 -30.66 5.89
C LEU A 30 -3.44 -30.83 4.45
N SER A 31 -2.14 -31.00 4.22
CA SER A 31 -1.65 -31.22 2.88
C SER A 31 -2.15 -32.55 2.31
N LYS A 32 -2.62 -33.46 3.16
CA LYS A 32 -3.08 -34.76 2.69
C LYS A 32 -4.49 -34.69 2.12
N TYR A 33 -4.92 -33.51 1.65
CA TYR A 33 -6.26 -33.34 1.09
C TYR A 33 -6.18 -32.44 -0.14
N GLU A 34 -7.06 -32.72 -1.11
CA GLU A 34 -7.22 -31.83 -2.26
C GLU A 34 -8.19 -30.70 -1.98
N VAL A 35 -9.06 -30.86 -0.99
CA VAL A 35 -10.03 -29.84 -0.62
C VAL A 35 -10.16 -29.86 0.90
N TRP A 36 -10.44 -28.69 1.49
CA TRP A 36 -10.95 -28.71 2.85
C TRP A 36 -11.75 -27.45 3.10
N SER A 37 -12.59 -27.53 4.14
CA SER A 37 -13.60 -26.52 4.48
C SER A 37 -13.02 -25.47 5.43
N TYR A 38 -13.55 -24.24 5.33
CA TYR A 38 -13.09 -23.18 6.23
C TYR A 38 -14.22 -22.22 6.56
N ASP A 39 -14.30 -21.82 7.83
CA ASP A 39 -15.38 -20.95 8.29
C ASP A 39 -14.90 -20.16 9.49
N THR A 40 -15.09 -18.84 9.44
CA THR A 40 -14.66 -17.94 10.50
C THR A 40 -15.84 -17.55 11.38
N GLU A 41 -15.55 -17.28 12.65
CA GLU A 41 -16.51 -16.67 13.55
C GLU A 41 -15.95 -15.32 14.02
N CYS A 42 -16.74 -14.28 13.88
CA CYS A 42 -16.22 -12.94 14.11
C CYS A 42 -17.10 -12.21 15.10
N THR A 43 -16.56 -11.13 15.66
CA THR A 43 -17.27 -10.35 16.67
C THR A 43 -18.38 -9.52 16.08
N GLY A 44 -18.30 -9.24 14.79
CA GLY A 44 -19.39 -8.65 14.06
C GLY A 44 -19.16 -8.78 12.57
N LEU A 45 -19.87 -7.95 11.82
CA LEU A 45 -19.87 -8.05 10.37
C LEU A 45 -19.04 -6.97 9.69
N GLN A 46 -18.59 -5.95 10.42
CA GLN A 46 -17.92 -4.81 9.83
C GLN A 46 -16.44 -5.08 9.58
N TYR A 47 -16.07 -5.21 8.29
CA TYR A 47 -14.68 -5.26 7.87
C TYR A 47 -13.88 -4.11 8.45
N LYS A 48 -12.61 -4.37 8.76
CA LYS A 48 -11.66 -3.41 9.32
C LYS A 48 -12.04 -2.92 10.73
N VAL A 49 -13.01 -3.55 11.38
CA VAL A 49 -13.48 -3.12 12.70
C VAL A 49 -13.63 -4.33 13.60
N ASP A 50 -14.52 -5.24 13.21
CA ASP A 50 -14.64 -6.49 13.90
C ASP A 50 -13.47 -7.40 13.53
N LYS A 51 -13.16 -8.33 14.41
CA LYS A 51 -12.00 -9.19 14.28
C LYS A 51 -12.46 -10.63 14.40
N VAL A 52 -11.66 -11.55 13.85
CA VAL A 52 -11.92 -12.98 13.95
C VAL A 52 -11.60 -13.45 15.37
N PHE A 53 -12.55 -14.18 15.99
CA PHE A 53 -12.31 -14.72 17.33
C PHE A 53 -12.17 -16.23 17.36
N GLY A 54 -12.54 -16.93 16.29
CA GLY A 54 -12.32 -18.37 16.18
C GLY A 54 -12.70 -18.84 14.79
N PHE A 55 -12.32 -20.09 14.50
CA PHE A 55 -12.59 -20.63 13.18
C PHE A 55 -12.73 -22.15 13.23
N SER A 56 -13.30 -22.70 12.16
CA SER A 56 -13.56 -24.12 12.03
C SER A 56 -13.23 -24.60 10.61
N ILE A 57 -12.90 -25.88 10.49
CA ILE A 57 -12.42 -26.51 9.26
C ILE A 57 -12.95 -27.92 9.24
N ALA A 58 -13.41 -28.39 8.09
CA ALA A 58 -13.79 -29.79 7.92
C ALA A 58 -12.95 -30.43 6.82
N THR A 59 -12.70 -31.73 6.94
CA THR A 59 -11.86 -32.41 5.97
C THR A 59 -12.64 -33.53 5.30
N PRO A 60 -12.30 -33.86 4.04
CA PRO A 60 -13.09 -34.85 3.29
C PRO A 60 -13.02 -36.27 3.84
N ASP A 61 -12.47 -36.47 5.05
CA ASP A 61 -12.44 -37.82 5.60
C ASP A 61 -13.11 -37.88 6.97
N GLY A 62 -14.09 -37.03 7.22
CA GLY A 62 -14.87 -37.05 8.44
C GLY A 62 -14.30 -36.28 9.63
N GLN A 63 -13.17 -35.60 9.49
CA GLN A 63 -12.66 -34.80 10.60
C GLN A 63 -13.22 -33.39 10.52
N SER A 64 -13.26 -32.71 11.65
CA SER A 64 -13.67 -31.31 11.74
C SER A 64 -13.28 -30.78 13.09
N GLY A 65 -13.01 -29.48 13.16
CA GLY A 65 -12.60 -28.88 14.42
C GLY A 65 -12.93 -27.40 14.46
N TYR A 66 -13.10 -26.89 15.67
CA TYR A 66 -13.24 -25.46 15.94
C TYR A 66 -12.18 -25.02 16.94
N PHE A 67 -11.56 -23.87 16.70
CA PHE A 67 -10.54 -23.34 17.58
C PHE A 67 -10.86 -21.91 17.96
N ASP A 68 -10.99 -21.63 19.26
CA ASP A 68 -11.09 -20.25 19.74
C ASP A 68 -9.69 -19.65 19.71
N VAL A 69 -9.46 -18.65 18.84
CA VAL A 69 -8.10 -18.11 18.77
C VAL A 69 -7.75 -17.30 20.00
N ARG A 70 -8.73 -16.93 20.82
CA ARG A 70 -8.41 -16.18 22.03
C ARG A 70 -7.89 -17.11 23.11
N GLU A 71 -8.63 -18.20 23.35
CA GLU A 71 -8.23 -19.20 24.34
C GLU A 71 -7.03 -20.03 23.88
N GLN A 72 -6.89 -20.24 22.58
CA GLN A 72 -5.97 -21.23 22.00
C GLN A 72 -5.17 -20.60 20.85
N PRO A 73 -4.31 -19.62 21.14
CA PRO A 73 -3.60 -18.92 20.04
C PRO A 73 -2.54 -19.77 19.34
N GLU A 74 -2.30 -21.00 19.81
CA GLU A 74 -1.44 -21.93 19.11
C GLU A 74 -2.00 -22.35 17.76
N SER A 75 -3.31 -22.14 17.53
CA SER A 75 -3.95 -22.62 16.32
C SER A 75 -3.81 -21.70 15.12
N LEU A 76 -3.49 -20.42 15.35
CA LEU A 76 -3.11 -19.56 14.23
C LEU A 76 -1.75 -19.94 13.68
N GLN A 77 -0.82 -20.33 14.56
CA GLN A 77 0.50 -20.75 14.11
C GLN A 77 0.41 -22.04 13.30
N TRP A 78 -0.45 -22.96 13.71
CA TRP A 78 -0.61 -24.19 12.95
C TRP A 78 -1.27 -23.88 11.62
N LEU A 79 -2.28 -23.02 11.63
CA LEU A 79 -2.95 -22.63 10.40
C LEU A 79 -1.96 -22.08 9.38
N ALA A 80 -1.26 -21.01 9.75
CA ALA A 80 -0.27 -20.40 8.85
C ALA A 80 0.72 -21.44 8.33
N GLU A 81 1.09 -22.40 9.17
CA GLU A 81 2.00 -23.46 8.75
C GLU A 81 1.32 -24.40 7.76
N GLN A 82 0.07 -24.75 8.01
CA GLN A 82 -0.61 -25.66 7.09
C GLN A 82 -0.85 -25.02 5.73
N VAL A 83 -1.08 -23.71 5.72
CA VAL A 83 -1.62 -23.01 4.55
C VAL A 83 -0.51 -22.57 3.60
N GLU A 84 0.70 -22.33 4.11
CA GLU A 84 1.80 -21.86 3.27
C GLU A 84 2.24 -22.85 2.18
N PRO A 85 2.20 -24.17 2.37
CA PRO A 85 2.50 -25.06 1.24
C PRO A 85 1.25 -25.57 0.53
N TYR A 86 0.08 -25.33 1.12
CA TYR A 86 -1.13 -26.03 0.69
C TYR A 86 -1.49 -25.64 -0.74
N LYS A 87 -1.60 -26.64 -1.63
CA LYS A 87 -1.81 -26.42 -3.05
C LYS A 87 -3.23 -26.72 -3.49
N GLY A 88 -4.08 -27.20 -2.59
CA GLY A 88 -5.42 -27.64 -2.93
C GLY A 88 -6.44 -26.54 -2.84
N THR A 89 -7.72 -26.95 -2.86
CA THR A 89 -8.82 -26.00 -2.78
C THR A 89 -9.25 -25.80 -1.33
N ILE A 90 -9.47 -24.54 -0.95
CA ILE A 90 -10.12 -24.15 0.30
C ILE A 90 -11.55 -23.70 0.01
N VAL A 91 -12.49 -24.14 0.82
CA VAL A 91 -13.90 -23.87 0.58
C VAL A 91 -14.47 -23.04 1.73
N CYS A 92 -15.11 -21.91 1.37
CA CYS A 92 -15.97 -21.14 2.27
C CYS A 92 -17.33 -20.95 1.63
N HIS A 93 -18.33 -20.63 2.46
CA HIS A 93 -19.64 -20.31 1.91
C HIS A 93 -19.68 -18.88 1.40
N ASN A 94 -19.03 -17.96 2.15
CA ASN A 94 -18.85 -16.55 1.79
C ASN A 94 -17.36 -16.28 1.70
N ALA A 95 -16.77 -16.59 0.56
CA ALA A 95 -15.32 -16.46 0.42
C ALA A 95 -14.86 -15.01 0.68
N SER A 96 -15.62 -14.03 0.20
CA SER A 96 -15.23 -12.64 0.44
C SER A 96 -15.15 -12.34 1.93
N PHE A 97 -16.23 -12.63 2.67
CA PHE A 97 -16.26 -12.33 4.10
C PHE A 97 -15.15 -13.06 4.85
N ASP A 98 -15.09 -14.38 4.69
CA ASP A 98 -14.09 -15.18 5.39
C ASP A 98 -12.68 -14.71 5.08
N TYR A 99 -12.38 -14.44 3.82
CA TYR A 99 -11.01 -14.07 3.50
C TYR A 99 -10.68 -12.67 4.00
N ARG A 100 -11.66 -11.76 4.03
CA ARG A 100 -11.34 -10.40 4.46
C ARG A 100 -11.26 -10.31 5.99
N MET A 101 -12.23 -10.89 6.70
CA MET A 101 -12.16 -10.90 8.16
C MET A 101 -10.89 -11.56 8.64
N SER A 102 -10.45 -12.64 7.97
CA SER A 102 -9.15 -13.23 8.28
C SER A 102 -8.02 -12.23 8.02
N LEU A 103 -8.05 -11.58 6.86
CA LEU A 103 -6.95 -10.68 6.51
C LEU A 103 -6.78 -9.58 7.55
N HIS A 104 -7.89 -9.00 8.01
CA HIS A 104 -7.80 -7.96 9.02
C HIS A 104 -7.26 -8.52 10.32
N SER A 105 -7.54 -9.77 10.61
CA SER A 105 -7.11 -10.41 11.85
C SER A 105 -5.75 -11.09 11.72
N GLY A 106 -5.05 -10.90 10.61
CA GLY A 106 -3.71 -11.44 10.45
C GLY A 106 -3.62 -12.90 10.08
N ILE A 107 -4.55 -13.39 9.26
CA ILE A 107 -4.54 -14.76 8.76
C ILE A 107 -4.50 -14.66 7.24
N LYS A 108 -3.32 -14.81 6.64
CA LYS A 108 -3.14 -14.59 5.21
C LYS A 108 -3.41 -15.91 4.47
N LEU A 109 -4.58 -15.97 3.80
CA LEU A 109 -4.91 -17.16 3.03
C LEU A 109 -4.47 -16.96 1.60
N PRO A 110 -4.17 -18.03 0.86
CA PRO A 110 -3.85 -17.88 -0.56
C PRO A 110 -5.14 -17.70 -1.36
N LEU A 111 -5.37 -16.47 -1.83
CA LEU A 111 -6.70 -16.12 -2.32
C LEU A 111 -7.08 -16.84 -3.61
N SER A 112 -6.10 -17.14 -4.47
CA SER A 112 -6.41 -17.89 -5.69
C SER A 112 -6.85 -19.32 -5.43
N GLN A 113 -6.76 -19.78 -4.19
CA GLN A 113 -7.12 -21.15 -3.88
C GLN A 113 -8.45 -21.26 -3.14
N ILE A 114 -9.13 -20.15 -2.93
CA ILE A 114 -10.39 -20.17 -2.20
C ILE A 114 -11.53 -20.32 -3.18
N ASP A 115 -12.57 -21.03 -2.75
CA ASP A 115 -13.77 -21.26 -3.54
C ASP A 115 -14.99 -20.83 -2.73
N ASP A 116 -16.10 -20.62 -3.42
CA ASP A 116 -17.28 -20.03 -2.79
C ASP A 116 -18.45 -20.95 -3.04
N THR A 117 -19.02 -21.49 -1.98
CA THR A 117 -20.18 -22.37 -2.15
C THR A 117 -21.41 -21.62 -2.66
N GLY A 118 -21.56 -20.34 -2.32
CA GLY A 118 -22.71 -19.59 -2.77
C GLY A 118 -22.65 -19.11 -4.21
N ILE A 119 -21.45 -18.79 -4.71
CA ILE A 119 -21.29 -18.48 -6.12
C ILE A 119 -21.53 -19.72 -6.97
N ARG A 120 -21.01 -20.87 -6.54
CA ARG A 120 -21.31 -22.14 -7.22
C ARG A 120 -22.81 -22.41 -7.24
N ALA A 121 -23.51 -22.10 -6.15
CA ALA A 121 -24.94 -22.34 -6.09
C ALA A 121 -25.70 -21.51 -7.14
N CYS A 122 -25.22 -20.29 -7.43
CA CYS A 122 -25.87 -19.44 -8.41
C CYS A 122 -25.64 -19.94 -9.84
N CYS A 123 -24.47 -20.52 -10.12
CA CYS A 123 -24.25 -21.06 -11.44
C CYS A 123 -25.18 -22.24 -11.71
N ILE A 124 -25.59 -22.94 -10.66
CA ILE A 124 -26.32 -24.20 -10.76
C ILE A 124 -27.83 -23.98 -10.88
N ASN A 125 -28.35 -22.96 -10.22
CA ASN A 125 -29.76 -22.60 -10.36
C ASN A 125 -29.92 -21.16 -9.89
N GLU A 126 -30.23 -20.26 -10.82
CA GLU A 126 -30.34 -18.84 -10.51
C GLU A 126 -31.67 -18.46 -9.87
N HIS A 127 -32.56 -19.42 -9.64
CA HIS A 127 -33.93 -19.10 -9.21
C HIS A 127 -34.23 -19.60 -7.80
N GLU A 128 -33.21 -19.68 -6.94
CA GLU A 128 -33.46 -20.18 -5.58
C GLU A 128 -34.47 -19.33 -4.83
N SER A 129 -34.58 -18.04 -5.15
CA SER A 129 -35.56 -17.16 -4.51
C SER A 129 -36.69 -16.74 -5.42
N THR A 130 -36.60 -17.01 -6.72
CA THR A 130 -37.67 -16.69 -7.66
C THR A 130 -38.98 -17.31 -7.22
N ILE A 131 -40.05 -16.52 -7.29
CA ILE A 131 -41.38 -17.02 -6.95
C ILE A 131 -42.12 -17.30 -8.25
N PHE A 132 -42.29 -18.58 -8.56
CA PHE A 132 -43.04 -19.06 -9.71
C PHE A 132 -44.52 -19.22 -9.34
N PRO A 133 -45.42 -19.27 -10.34
CA PRO A 133 -46.85 -19.38 -10.04
C PRO A 133 -47.25 -20.67 -9.34
N TRP A 134 -46.28 -21.54 -9.05
CA TRP A 134 -46.52 -22.86 -8.48
C TRP A 134 -45.76 -23.10 -7.18
N THR A 135 -45.12 -22.08 -6.61
CA THR A 135 -44.24 -22.29 -5.48
C THR A 135 -45.04 -22.62 -4.21
N ARG A 136 -44.35 -23.16 -3.21
CA ARG A 136 -45.00 -23.66 -1.99
C ARG A 136 -44.14 -23.28 -0.78
N GLY A 137 -44.52 -22.21 -0.11
CA GLY A 137 -43.86 -21.76 1.10
C GLY A 137 -43.18 -20.41 0.92
N ARG A 138 -42.20 -20.16 1.80
CA ARG A 138 -41.39 -18.96 1.71
C ARG A 138 -40.40 -19.10 0.55
N ALA A 139 -39.60 -18.05 0.34
CA ALA A 139 -38.87 -17.91 -0.91
C ALA A 139 -37.84 -19.03 -1.11
N GLY A 140 -36.88 -19.14 -0.22
CA GLY A 140 -35.66 -19.83 -0.61
C GLY A 140 -34.61 -18.83 -1.03
N ASP A 141 -33.35 -19.18 -0.80
CA ASP A 141 -32.27 -18.20 -0.91
C ASP A 141 -30.93 -18.91 -1.04
N TYR A 142 -29.85 -18.15 -0.88
CA TYR A 142 -28.51 -18.71 -1.06
C TYR A 142 -27.77 -18.91 0.25
N SER A 143 -28.47 -18.89 1.38
CA SER A 143 -27.87 -19.23 2.66
C SER A 143 -27.42 -20.68 2.68
N LEU A 144 -26.49 -20.95 3.58
CA LEU A 144 -25.96 -22.31 3.75
C LEU A 144 -27.02 -23.24 4.32
N ASP A 145 -27.80 -22.78 5.30
CA ASP A 145 -28.81 -23.66 5.88
C ASP A 145 -29.74 -24.17 4.79
N TYR A 146 -30.15 -23.27 3.88
CA TYR A 146 -31.14 -23.61 2.86
C TYR A 146 -30.56 -24.48 1.76
N LEU A 147 -29.35 -24.15 1.30
CA LEU A 147 -28.74 -24.91 0.22
C LEU A 147 -28.29 -26.30 0.68
N ALA A 148 -27.80 -26.40 1.92
CA ALA A 148 -27.52 -27.71 2.48
C ALA A 148 -28.79 -28.56 2.59
N LYS A 149 -29.90 -27.98 3.05
CA LYS A 149 -31.12 -28.78 3.16
C LYS A 149 -31.57 -29.25 1.78
N LYS A 150 -31.52 -28.36 0.80
CA LYS A 150 -32.11 -28.67 -0.49
C LYS A 150 -31.26 -29.65 -1.29
N TYR A 151 -29.94 -29.61 -1.13
CA TYR A 151 -29.07 -30.36 -2.02
C TYR A 151 -28.37 -31.55 -1.37
N VAL A 152 -28.06 -31.49 -0.08
CA VAL A 152 -27.53 -32.65 0.63
C VAL A 152 -28.50 -33.16 1.69
N GLY A 153 -29.68 -32.55 1.83
CA GLY A 153 -30.67 -33.01 2.79
C GLY A 153 -30.18 -33.04 4.22
N ALA A 154 -29.33 -32.10 4.59
CA ALA A 154 -28.79 -32.02 5.93
C ALA A 154 -29.17 -30.68 6.55
N GLN A 155 -28.95 -30.57 7.85
CA GLN A 155 -29.59 -29.55 8.66
C GLN A 155 -28.99 -29.57 10.05
N LYS A 156 -28.70 -28.38 10.60
CA LYS A 156 -28.14 -28.33 11.94
C LYS A 156 -29.19 -28.63 13.01
N TYR A 157 -28.77 -29.32 14.05
CA TYR A 157 -29.65 -29.62 15.17
C TYR A 157 -30.04 -28.34 15.92
N ALA A 158 -31.32 -28.23 16.22
CA ALA A 158 -31.85 -27.03 16.88
C ALA A 158 -31.42 -26.90 18.35
N GLU A 159 -30.74 -27.90 18.91
CA GLU A 159 -30.43 -27.86 20.33
C GLU A 159 -29.44 -26.74 20.68
N ILE A 160 -28.59 -26.34 19.74
CA ILE A 160 -27.61 -25.29 20.06
C ILE A 160 -28.27 -23.93 20.10
N TYR A 161 -29.26 -23.69 19.23
CA TYR A 161 -29.95 -22.42 19.24
C TYR A 161 -30.77 -22.23 20.52
N ASP A 162 -31.34 -23.34 21.03
CA ASP A 162 -32.01 -23.30 22.33
C ASP A 162 -31.03 -22.99 23.46
N GLU A 163 -29.88 -23.66 23.47
CA GLU A 163 -28.85 -23.37 24.48
C GLU A 163 -28.39 -21.92 24.40
N LEU A 164 -28.25 -21.40 23.19
CA LEU A 164 -27.84 -20.01 23.03
C LEU A 164 -28.90 -19.08 23.57
N ALA A 165 -30.16 -19.27 23.14
CA ALA A 165 -31.25 -18.41 23.62
C ALA A 165 -31.38 -18.46 25.14
N ALA A 166 -31.16 -19.62 25.75
CA ALA A 166 -31.19 -19.73 27.21
C ALA A 166 -30.06 -18.97 27.88
N LEU A 167 -28.98 -18.68 27.15
CA LEU A 167 -27.89 -17.85 27.68
C LEU A 167 -28.11 -16.37 27.42
N PHE A 168 -28.69 -16.01 26.28
CA PHE A 168 -28.68 -14.61 25.86
C PHE A 168 -30.06 -13.99 25.77
N GLY A 169 -31.09 -14.74 25.37
CA GLY A 169 -32.43 -14.24 25.54
C GLY A 169 -33.38 -14.34 24.37
N GLY A 170 -32.93 -14.03 23.16
CA GLY A 170 -33.83 -13.82 22.04
C GLY A 170 -34.49 -15.07 21.47
N LYS A 171 -35.01 -14.98 20.26
CA LYS A 171 -35.51 -16.17 19.59
C LYS A 171 -34.35 -17.12 19.32
N ALA A 172 -34.65 -18.42 19.33
CA ALA A 172 -33.62 -19.45 19.17
C ALA A 172 -33.36 -19.69 17.68
N THR A 173 -32.76 -18.68 17.05
CA THR A 173 -32.53 -18.66 15.60
C THR A 173 -31.09 -18.29 15.30
N ARG A 174 -30.63 -18.66 14.10
CA ARG A 174 -29.31 -18.19 13.66
C ARG A 174 -29.28 -16.66 13.55
N LYS A 175 -30.37 -16.05 13.07
CA LYS A 175 -30.42 -14.60 12.89
C LYS A 175 -30.33 -13.88 14.24
N THR A 176 -30.97 -14.41 15.27
CA THR A 176 -31.00 -13.71 16.54
C THR A 176 -29.70 -13.89 17.32
N GLN A 177 -29.08 -15.07 17.21
CA GLN A 177 -28.00 -15.49 18.09
C GLN A 177 -26.60 -15.32 17.52
N MET A 178 -26.45 -15.01 16.23
CA MET A 178 -25.11 -14.77 15.69
C MET A 178 -24.39 -13.61 16.38
N PRO A 179 -25.01 -12.44 16.58
CA PRO A 179 -24.31 -11.34 17.27
C PRO A 179 -23.82 -11.70 18.67
N ASN A 180 -24.28 -12.82 19.24
CA ASN A 180 -23.93 -13.22 20.59
C ASN A 180 -22.77 -14.20 20.68
N LEU A 181 -22.31 -14.77 19.56
CA LEU A 181 -21.44 -15.94 19.62
C LEU A 181 -20.09 -15.66 20.30
N TYR A 182 -19.50 -14.49 20.07
CA TYR A 182 -18.23 -14.20 20.75
C TYR A 182 -18.38 -14.01 22.25
N ARG A 183 -19.61 -14.04 22.79
CA ARG A 183 -19.89 -13.87 24.20
C ARG A 183 -20.18 -15.19 24.91
N ALA A 184 -20.24 -16.30 24.18
CA ALA A 184 -20.58 -17.64 24.60
C ALA A 184 -19.34 -18.46 24.89
N PRO A 185 -19.48 -19.52 25.67
CA PRO A 185 -18.33 -20.40 25.95
C PRO A 185 -17.92 -21.23 24.75
N SER A 186 -16.60 -21.36 24.57
CA SER A 186 -16.06 -21.89 23.33
C SER A 186 -16.53 -23.30 23.03
N GLY A 187 -16.91 -24.08 24.03
CA GLY A 187 -17.47 -25.39 23.76
C GLY A 187 -18.85 -25.34 23.13
N LEU A 188 -19.60 -24.27 23.40
CA LEU A 188 -20.87 -24.06 22.72
C LEU A 188 -20.67 -23.65 21.26
N VAL A 189 -19.80 -22.65 21.03
CA VAL A 189 -19.49 -22.24 19.66
C VAL A 189 -18.92 -23.41 18.86
N ARG A 190 -18.23 -24.36 19.52
CA ARG A 190 -17.78 -25.57 18.85
C ARG A 190 -18.94 -26.40 18.35
N LYS A 191 -20.03 -26.49 19.14
CA LYS A 191 -21.22 -27.22 18.70
C LYS A 191 -21.91 -26.50 17.55
N TYR A 192 -21.85 -25.17 17.54
CA TYR A 192 -22.43 -24.35 16.47
C TYR A 192 -21.60 -24.44 15.20
N ALA A 193 -20.29 -24.22 15.32
CA ALA A 193 -19.48 -23.88 14.17
C ALA A 193 -19.02 -25.11 13.40
N CYS A 194 -18.80 -26.23 14.07
CA CYS A 194 -18.32 -27.41 13.35
C CYS A 194 -19.29 -27.87 12.29
N PRO A 195 -20.59 -28.06 12.57
CA PRO A 195 -21.50 -28.45 11.49
C PRO A 195 -21.50 -27.47 10.32
N ASP A 196 -21.26 -26.17 10.58
CA ASP A 196 -21.18 -25.19 9.49
C ASP A 196 -20.12 -25.60 8.47
N ALA A 197 -18.91 -25.90 8.94
CA ALA A 197 -17.85 -26.35 8.03
C ALA A 197 -18.15 -27.72 7.45
N GLU A 198 -18.86 -28.57 8.20
CA GLU A 198 -19.30 -29.87 7.68
C GLU A 198 -20.30 -29.70 6.55
N LEU A 199 -21.35 -28.91 6.78
CA LEU A 199 -22.35 -28.69 5.74
C LEU A 199 -21.76 -27.98 4.53
N THR A 200 -20.81 -27.06 4.74
CA THR A 200 -20.16 -26.37 3.62
C THR A 200 -19.38 -27.35 2.75
N LEU A 201 -18.67 -28.30 3.38
CA LEU A 201 -17.86 -29.21 2.57
C LEU A 201 -18.74 -30.23 1.87
N GLU A 202 -19.83 -30.63 2.53
CA GLU A 202 -20.76 -31.55 1.90
C GLU A 202 -21.52 -30.89 0.75
N LEU A 203 -21.86 -29.61 0.91
CA LEU A 203 -22.41 -28.84 -0.20
C LEU A 203 -21.42 -28.77 -1.36
N TRP A 204 -20.19 -28.33 -1.10
CA TRP A 204 -19.20 -28.24 -2.15
C TRP A 204 -19.00 -29.59 -2.83
N LEU A 205 -19.04 -30.69 -2.05
CA LEU A 205 -18.89 -32.02 -2.65
C LEU A 205 -20.09 -32.36 -3.54
N GLU A 206 -21.29 -31.98 -3.15
CA GLU A 206 -22.44 -32.31 -4.00
C GLU A 206 -22.53 -31.40 -5.21
N GLN A 207 -21.98 -30.19 -5.11
CA GLN A 207 -21.95 -29.29 -6.26
C GLN A 207 -20.99 -29.78 -7.33
N GLU A 208 -19.91 -30.47 -6.94
CA GLU A 208 -19.02 -31.10 -7.91
C GLU A 208 -19.78 -32.05 -8.83
N GLU A 209 -20.58 -32.94 -8.25
CA GLU A 209 -21.41 -33.85 -9.02
C GLU A 209 -22.34 -33.09 -9.97
N LEU A 210 -23.10 -32.14 -9.42
CA LEU A 210 -24.05 -31.42 -10.25
C LEU A 210 -23.33 -30.62 -11.32
N ILE A 211 -22.19 -30.00 -10.98
CA ILE A 211 -21.43 -29.27 -12.01
C ILE A 211 -20.87 -30.23 -13.04
N LYS A 212 -20.48 -31.44 -12.61
CA LYS A 212 -19.97 -32.43 -13.56
C LYS A 212 -21.10 -33.00 -14.42
N LYS A 213 -22.21 -33.41 -13.79
CA LYS A 213 -23.30 -34.01 -14.57
C LYS A 213 -23.96 -33.00 -15.51
N ARG A 214 -23.93 -31.71 -15.19
CA ARG A 214 -24.67 -30.76 -16.00
C ARG A 214 -23.79 -29.95 -16.94
N GLY A 215 -22.48 -30.18 -16.95
CA GLY A 215 -21.67 -29.51 -17.93
C GLY A 215 -21.58 -28.02 -17.71
N LEU A 216 -21.51 -27.58 -16.46
CA LEU A 216 -21.38 -26.19 -16.11
C LEU A 216 -19.93 -25.79 -15.84
N GLU A 217 -18.97 -26.55 -16.36
CA GLU A 217 -17.59 -26.29 -16.03
C GLU A 217 -17.15 -24.90 -16.46
N ARG A 218 -17.65 -24.37 -17.59
CA ARG A 218 -17.15 -23.09 -18.09
C ARG A 218 -17.60 -21.91 -17.22
N ILE A 219 -18.90 -21.79 -16.93
CA ILE A 219 -19.32 -20.62 -16.15
C ILE A 219 -18.83 -20.73 -14.72
N VAL A 220 -18.70 -21.95 -14.20
CA VAL A 220 -18.17 -22.12 -12.86
C VAL A 220 -16.72 -21.66 -12.82
N ALA A 221 -15.96 -21.96 -13.88
CA ALA A 221 -14.57 -21.53 -13.92
C ALA A 221 -14.49 -20.03 -14.10
N PHE A 222 -15.39 -19.47 -14.89
CA PHE A 222 -15.34 -18.03 -15.14
C PHE A 222 -15.51 -17.26 -13.85
N GLU A 223 -16.58 -17.54 -13.11
CA GLU A 223 -16.81 -16.79 -11.88
C GLU A 223 -15.69 -17.04 -10.87
N ARG A 224 -15.05 -18.20 -10.90
CA ARG A 224 -13.91 -18.41 -10.03
C ARG A 224 -12.75 -17.52 -10.45
N LYS A 225 -12.55 -17.34 -11.76
CA LYS A 225 -11.49 -16.47 -12.25
C LYS A 225 -11.75 -15.02 -11.83
N VAL A 226 -13.04 -14.63 -11.84
CA VAL A 226 -13.45 -13.28 -11.49
C VAL A 226 -13.22 -13.00 -10.00
N MET A 227 -13.38 -14.01 -9.16
CA MET A 227 -13.52 -13.77 -7.72
C MET A 227 -12.35 -13.03 -7.09
N PRO A 228 -11.08 -13.37 -7.33
CA PRO A 228 -10.01 -12.58 -6.70
C PRO A 228 -10.06 -11.10 -7.03
N THR A 229 -10.46 -10.73 -8.24
CA THR A 229 -10.48 -9.33 -8.63
C THR A 229 -11.53 -8.54 -7.86
N LEU A 230 -12.65 -9.18 -7.50
CA LEU A 230 -13.63 -8.50 -6.66
C LEU A 230 -13.30 -8.53 -5.17
N ILE A 231 -12.69 -9.58 -4.66
CA ILE A 231 -12.33 -9.54 -3.25
C ILE A 231 -11.18 -8.54 -3.03
N ARG A 232 -10.21 -8.51 -3.93
CA ARG A 232 -9.16 -7.49 -3.87
C ARG A 232 -9.76 -6.08 -3.84
N THR A 233 -10.69 -5.79 -4.77
CA THR A 233 -11.34 -4.48 -4.81
C THR A 233 -12.14 -4.24 -3.53
N GLU A 234 -12.93 -5.23 -3.12
CA GLU A 234 -13.71 -5.14 -1.89
C GLU A 234 -12.80 -4.81 -0.70
N ALA A 235 -11.62 -5.44 -0.65
CA ALA A 235 -10.71 -5.27 0.50
C ALA A 235 -9.98 -3.93 0.48
N ARG A 236 -9.85 -3.33 -0.69
CA ARG A 236 -9.16 -2.05 -0.86
C ARG A 236 -10.01 -0.88 -0.38
N GLY A 237 -11.33 -0.94 -0.56
CA GLY A 237 -12.21 0.15 -0.18
C GLY A 237 -12.09 1.36 -1.11
N VAL A 238 -12.96 2.34 -0.85
CA VAL A 238 -12.94 3.63 -1.52
C VAL A 238 -12.71 4.73 -0.49
N ARG A 239 -11.81 5.67 -0.81
CA ARG A 239 -11.49 6.79 0.07
C ARG A 239 -12.60 7.83 0.02
N VAL A 240 -12.96 8.37 1.18
CA VAL A 240 -14.04 9.35 1.26
C VAL A 240 -13.56 10.62 1.94
N ASP A 241 -14.20 11.73 1.59
CA ASP A 241 -14.03 13.00 2.28
C ASP A 241 -15.21 13.17 3.23
N LEU A 242 -14.99 12.90 4.52
CA LEU A 242 -16.10 12.97 5.48
C LEU A 242 -16.51 14.40 5.81
N ASP A 243 -15.57 15.35 5.75
CA ASP A 243 -15.94 16.73 6.04
C ASP A 243 -16.95 17.24 5.02
N TYR A 244 -16.77 16.87 3.75
CA TYR A 244 -17.77 17.21 2.75
C TYR A 244 -19.04 16.41 2.96
N ALA A 245 -18.91 15.12 3.32
CA ALA A 245 -20.09 14.26 3.49
C ALA A 245 -21.08 14.86 4.48
N GLU A 246 -20.59 15.46 5.56
CA GLU A 246 -21.48 16.12 6.49
C GLU A 246 -22.17 17.33 5.87
N GLN A 247 -21.50 18.02 4.94
CA GLN A 247 -22.12 19.12 4.22
C GLN A 247 -23.19 18.61 3.27
N ALA A 248 -22.99 17.41 2.72
CA ALA A 248 -23.95 16.89 1.78
C ALA A 248 -25.24 16.50 2.48
N ILE A 249 -25.15 16.12 3.75
CA ILE A 249 -26.34 15.76 4.48
C ILE A 249 -27.19 16.99 4.74
N PHE A 250 -26.59 18.17 4.74
CA PHE A 250 -27.37 19.40 4.82
C PHE A 250 -27.97 19.76 3.48
N LYS A 251 -27.33 19.36 2.38
CA LYS A 251 -27.92 19.62 1.08
C LYS A 251 -29.12 18.70 0.84
N MET A 252 -28.95 17.42 1.10
CA MET A 252 -30.08 16.48 1.02
C MET A 252 -31.25 16.95 1.88
N ASP A 253 -30.98 17.58 3.03
CA ASP A 253 -32.02 18.17 3.86
C ASP A 253 -32.95 19.06 3.04
N GLY A 254 -32.35 19.96 2.26
CA GLY A 254 -33.15 20.82 1.41
C GLY A 254 -33.80 20.07 0.26
N VAL A 255 -33.10 19.09 -0.29
CA VAL A 255 -33.66 18.31 -1.39
C VAL A 255 -34.89 17.54 -0.91
N VAL A 256 -34.87 17.05 0.32
CA VAL A 256 -36.02 16.34 0.86
C VAL A 256 -37.16 17.30 1.15
N ARG A 257 -36.83 18.49 1.65
CA ARG A 257 -37.90 19.41 1.98
C ARG A 257 -38.63 19.83 0.71
N GLU A 258 -37.89 19.92 -0.40
CA GLU A 258 -38.51 20.17 -1.69
C GLU A 258 -39.30 18.96 -2.18
N ASN A 259 -38.72 17.76 -2.12
CA ASN A 259 -39.45 16.54 -2.48
C ASN A 259 -40.79 16.50 -1.77
N GLN A 260 -40.81 16.91 -0.50
CA GLN A 260 -42.05 16.87 0.26
C GLN A 260 -43.03 17.89 -0.25
N ALA A 261 -42.57 19.11 -0.52
CA ALA A 261 -43.46 20.13 -1.05
C ALA A 261 -44.05 19.69 -2.39
N LYS A 262 -43.20 19.23 -3.32
CA LYS A 262 -43.71 18.76 -4.59
C LYS A 262 -44.73 17.64 -4.41
N MET A 263 -44.50 16.77 -3.44
CA MET A 263 -45.43 15.66 -3.22
C MET A 263 -46.76 16.11 -2.61
N PHE A 264 -46.73 17.02 -1.64
CA PHE A 264 -47.98 17.54 -1.09
C PHE A 264 -48.77 18.29 -2.15
N ALA A 265 -48.07 19.01 -3.03
CA ALA A 265 -48.75 19.71 -4.10
C ALA A 265 -49.52 18.74 -4.98
N LEU A 266 -48.92 17.60 -5.35
CA LEU A 266 -49.55 16.70 -6.27
C LEU A 266 -50.73 15.98 -5.64
N ALA A 267 -50.80 15.95 -4.31
CA ALA A 267 -51.92 15.35 -3.59
C ALA A 267 -52.97 16.36 -3.16
N GLY A 268 -52.66 17.66 -3.22
CA GLY A 268 -53.59 18.69 -2.83
C GLY A 268 -53.67 18.95 -1.35
N ARG A 269 -52.83 18.29 -0.56
CA ARG A 269 -52.88 18.33 0.89
C ARG A 269 -51.55 17.83 1.43
N GLU A 270 -51.32 18.00 2.73
CA GLU A 270 -50.22 17.34 3.43
C GLU A 270 -50.69 16.01 4.01
N PHE A 271 -49.74 15.06 4.08
CA PHE A 271 -50.08 13.69 4.49
C PHE A 271 -48.82 12.94 4.90
N ASN A 272 -49.03 11.77 5.51
CA ASN A 272 -47.90 10.94 5.90
C ASN A 272 -47.71 9.83 4.88
N PRO A 273 -46.67 9.88 4.04
CA PRO A 273 -46.45 8.78 3.09
C PRO A 273 -46.24 7.44 3.78
N ASN A 274 -46.01 7.45 5.10
CA ASN A 274 -45.80 6.23 5.86
C ASN A 274 -47.09 5.63 6.38
N SER A 275 -48.21 6.38 6.33
CA SER A 275 -49.54 5.85 6.65
C SER A 275 -50.15 5.16 5.43
N PRO A 276 -50.27 3.83 5.43
CA PRO A 276 -50.92 3.16 4.30
C PRO A 276 -52.30 3.68 3.99
N LYS A 277 -53.01 4.18 5.00
CA LYS A 277 -54.35 4.71 4.80
C LYS A 277 -54.31 6.01 3.99
N GLN A 278 -53.45 6.96 4.40
CA GLN A 278 -53.42 8.24 3.71
C GLN A 278 -52.84 8.09 2.31
N VAL A 279 -51.91 7.16 2.10
CA VAL A 279 -51.44 6.93 0.74
C VAL A 279 -52.54 6.34 -0.14
N ARG A 280 -53.43 5.52 0.43
CA ARG A 280 -54.63 5.11 -0.31
C ARG A 280 -55.51 6.32 -0.63
N GLU A 281 -55.60 7.27 0.30
CA GLU A 281 -56.44 8.44 0.09
C GLU A 281 -55.91 9.34 -1.04
N VAL A 282 -54.61 9.67 -1.00
CA VAL A 282 -54.12 10.63 -1.96
C VAL A 282 -54.14 10.05 -3.37
N PHE A 283 -53.91 8.75 -3.53
CA PHE A 283 -53.93 8.16 -4.87
C PHE A 283 -55.34 7.83 -5.36
N GLY A 284 -56.35 8.10 -4.55
CA GLY A 284 -57.73 7.87 -4.95
C GLY A 284 -58.10 6.42 -5.18
N ALA A 285 -57.57 5.51 -4.36
CA ALA A 285 -57.85 4.08 -4.56
C ALA A 285 -59.32 3.81 -4.23
N LYS A 286 -60.09 3.40 -5.24
CA LYS A 286 -61.47 2.98 -5.09
C LYS A 286 -61.64 1.56 -5.63
N GLU A 287 -62.52 0.78 -5.00
CA GLU A 287 -62.86 -0.57 -5.43
C GLU A 287 -64.22 -0.57 -6.14
N GLU A 288 -64.32 -1.38 -7.21
CA GLU A 288 -65.60 -1.54 -7.92
C GLU A 288 -65.60 -2.87 -8.64
N GLY A 289 -66.65 -3.66 -8.42
CA GLY A 289 -66.78 -4.97 -9.07
C GLY A 289 -65.59 -5.86 -8.89
N GLY A 290 -64.94 -5.78 -7.72
CA GLY A 290 -63.79 -6.61 -7.40
C GLY A 290 -62.45 -6.05 -7.80
N VAL A 291 -62.43 -4.89 -8.46
CA VAL A 291 -61.23 -4.31 -9.04
C VAL A 291 -60.86 -3.05 -8.27
N TRP A 292 -59.57 -2.88 -7.98
CA TRP A 292 -59.06 -1.67 -7.36
C TRP A 292 -58.36 -0.83 -8.42
N LYS A 293 -58.74 0.45 -8.51
CA LYS A 293 -58.09 1.41 -9.39
C LYS A 293 -57.63 2.61 -8.56
N SER A 294 -56.53 3.21 -9.01
CA SER A 294 -56.01 4.48 -8.52
C SER A 294 -56.42 5.60 -9.48
N ARG A 295 -56.36 6.84 -9.00
CA ARG A 295 -56.95 7.97 -9.74
C ARG A 295 -56.46 8.11 -11.18
N ASP A 296 -55.33 7.53 -11.55
CA ASP A 296 -54.85 7.54 -12.93
C ASP A 296 -55.31 6.32 -13.72
N GLY A 297 -56.31 5.61 -13.23
CA GLY A 297 -56.81 4.44 -13.91
C GLY A 297 -56.02 3.16 -13.72
N THR A 298 -54.85 3.21 -13.07
CA THR A 298 -54.06 1.98 -12.95
C THR A 298 -54.77 0.97 -12.07
N ILE A 299 -54.73 -0.28 -12.52
CA ILE A 299 -55.35 -1.38 -11.80
C ILE A 299 -54.37 -1.92 -10.78
N LEU A 300 -54.80 -1.91 -9.53
CA LEU A 300 -53.95 -2.27 -8.42
C LEU A 300 -54.22 -3.72 -8.03
N GLU A 301 -53.17 -4.43 -7.65
CA GLU A 301 -53.35 -5.75 -7.07
C GLU A 301 -53.67 -5.63 -5.59
N ARG A 302 -54.09 -6.75 -4.99
CA ARG A 302 -54.44 -6.72 -3.58
C ARG A 302 -53.26 -7.16 -2.72
N THR A 303 -53.18 -6.60 -1.53
CA THR A 303 -52.26 -7.14 -0.54
C THR A 303 -52.87 -8.38 0.13
N ALA A 304 -52.00 -9.21 0.71
CA ALA A 304 -52.48 -10.40 1.41
C ALA A 304 -53.61 -10.04 2.38
N THR A 305 -53.49 -8.90 3.05
CA THR A 305 -54.47 -8.37 3.99
C THR A 305 -55.75 -7.90 3.30
N GLY A 306 -55.79 -8.00 1.97
CA GLY A 306 -56.94 -7.57 1.18
C GLY A 306 -56.98 -6.10 0.77
N ASN A 307 -55.99 -5.31 1.19
CA ASN A 307 -55.93 -3.89 0.82
C ASN A 307 -55.49 -3.74 -0.63
N PRO A 308 -55.77 -2.61 -1.27
CA PRO A 308 -55.15 -2.33 -2.56
C PRO A 308 -53.66 -2.08 -2.34
N CYS A 309 -52.86 -2.66 -3.20
CA CYS A 309 -51.42 -2.64 -3.01
C CYS A 309 -50.84 -1.37 -3.63
N LEU A 310 -50.16 -0.56 -2.82
CA LEU A 310 -49.49 0.63 -3.33
C LEU A 310 -48.01 0.57 -2.95
N ASP A 311 -47.37 -0.54 -3.30
CA ASP A 311 -45.96 -0.73 -3.05
C ASP A 311 -45.17 0.00 -4.14
N ALA A 312 -43.85 -0.21 -4.17
CA ALA A 312 -43.01 0.50 -5.13
C ALA A 312 -43.20 -0.02 -6.54
N ASP A 313 -43.48 -1.32 -6.70
CA ASP A 313 -43.69 -1.87 -8.04
C ASP A 313 -44.93 -1.27 -8.68
N ALA A 314 -45.93 -0.91 -7.86
CA ALA A 314 -47.19 -0.35 -8.33
C ALA A 314 -47.04 1.14 -8.68
N LEU A 315 -46.39 1.91 -7.79
CA LEU A 315 -46.08 3.30 -8.10
C LEU A 315 -45.41 3.42 -9.45
N ARG A 316 -44.40 2.58 -9.70
CA ARG A 316 -43.65 2.64 -10.95
C ARG A 316 -44.52 2.38 -12.16
N SER A 317 -45.55 1.55 -12.01
CA SER A 317 -46.44 1.23 -13.12
C SER A 317 -47.49 2.31 -13.38
N MET A 318 -47.52 3.40 -12.61
CA MET A 318 -48.51 4.45 -12.79
C MET A 318 -47.97 5.56 -13.68
N THR A 319 -48.88 6.29 -14.34
CA THR A 319 -48.48 7.52 -15.00
C THR A 319 -48.66 8.74 -14.10
N ASP A 320 -49.34 8.59 -12.97
CA ASP A 320 -49.55 9.68 -12.02
C ASP A 320 -48.23 10.31 -11.60
N PRO A 321 -48.05 11.64 -11.79
CA PRO A 321 -46.85 12.30 -11.28
C PRO A 321 -46.65 12.15 -9.78
N LEU A 322 -47.74 11.98 -9.03
CA LEU A 322 -47.64 11.82 -7.57
C LEU A 322 -46.87 10.57 -7.21
N ALA A 323 -46.99 9.52 -8.03
CA ALA A 323 -46.25 8.29 -7.78
C ALA A 323 -44.75 8.55 -7.89
N ALA A 324 -44.32 9.21 -8.97
CA ALA A 324 -42.90 9.50 -9.12
C ALA A 324 -42.39 10.39 -8.00
N ALA A 325 -43.25 11.31 -7.51
CA ALA A 325 -42.88 12.17 -6.39
C ALA A 325 -42.68 11.39 -5.11
N VAL A 326 -43.60 10.46 -4.81
CA VAL A 326 -43.47 9.63 -3.60
C VAL A 326 -42.18 8.81 -3.68
N LEU A 327 -42.00 8.05 -4.76
CA LEU A 327 -40.78 7.28 -4.96
C LEU A 327 -39.54 8.14 -4.88
N GLU A 328 -39.61 9.38 -5.38
CA GLU A 328 -38.46 10.29 -5.32
C GLU A 328 -38.13 10.64 -3.88
N LEU A 329 -39.16 10.98 -3.09
CA LEU A 329 -38.96 11.34 -1.69
C LEU A 329 -38.43 10.16 -0.88
N ARG A 330 -38.99 8.96 -1.11
CA ARG A 330 -38.46 7.79 -0.44
C ARG A 330 -37.01 7.58 -0.81
N SER A 331 -36.69 7.71 -2.09
CA SER A 331 -35.32 7.47 -2.54
C SER A 331 -34.34 8.46 -1.94
N ASN A 332 -34.72 9.74 -1.86
CA ASN A 332 -33.78 10.75 -1.37
C ASN A 332 -33.63 10.69 0.15
N ILE A 333 -34.66 10.25 0.86
CA ILE A 333 -34.53 10.01 2.29
C ILE A 333 -33.53 8.88 2.54
N LYS A 334 -33.64 7.81 1.74
CA LYS A 334 -32.73 6.69 1.85
C LYS A 334 -31.30 7.13 1.51
N THR A 335 -31.14 8.07 0.57
CA THR A 335 -29.81 8.56 0.25
C THR A 335 -29.23 9.45 1.35
N LYS A 336 -30.03 10.34 1.93
CA LYS A 336 -29.54 11.12 3.05
C LYS A 336 -29.23 10.24 4.27
N ASP A 337 -30.16 9.36 4.65
CA ASP A 337 -30.08 8.67 5.94
C ASP A 337 -29.28 7.37 5.88
N THR A 338 -29.61 6.47 4.96
CA THR A 338 -28.83 5.24 4.87
C THR A 338 -27.52 5.44 4.10
N PHE A 339 -27.58 5.96 2.87
CA PHE A 339 -26.38 6.09 2.06
C PHE A 339 -25.35 6.99 2.73
N LEU A 340 -25.75 8.19 3.14
CA LEU A 340 -24.79 9.21 3.59
C LEU A 340 -24.47 9.06 5.08
N ALA A 341 -25.45 9.36 5.93
CA ALA A 341 -25.28 9.29 7.37
C ALA A 341 -24.70 7.96 7.83
N LYS A 342 -25.39 6.86 7.50
CA LYS A 342 -25.04 5.56 8.07
C LYS A 342 -23.82 4.94 7.38
N HIS A 343 -23.84 4.81 6.07
CA HIS A 343 -22.79 4.01 5.47
C HIS A 343 -21.49 4.78 5.23
N VAL A 344 -21.56 6.07 4.93
CA VAL A 344 -20.35 6.84 4.64
C VAL A 344 -19.85 7.59 5.88
N VAL A 345 -20.72 8.18 6.67
CA VAL A 345 -20.25 8.94 7.83
C VAL A 345 -20.00 8.00 9.00
N GLU A 346 -21.03 7.28 9.46
CA GLU A 346 -20.90 6.44 10.66
C GLU A 346 -19.96 5.26 10.45
N HIS A 347 -20.29 4.35 9.53
CA HIS A 347 -19.52 3.12 9.36
C HIS A 347 -18.24 3.29 8.54
N SER A 348 -17.80 4.49 8.22
CA SER A 348 -16.49 4.63 7.60
C SER A 348 -15.38 4.27 8.59
N VAL A 349 -14.23 3.84 8.05
CA VAL A 349 -13.10 3.38 8.85
C VAL A 349 -11.83 4.02 8.33
N GLY A 350 -11.19 4.84 9.17
CA GLY A 350 -10.01 5.58 8.78
C GLY A 350 -10.16 6.38 7.51
N GLY A 351 -11.29 7.05 7.33
CA GLY A 351 -11.52 7.86 6.15
C GLY A 351 -11.94 7.12 4.90
N ARG A 352 -12.25 5.82 4.97
CA ARG A 352 -12.69 5.08 3.80
C ARG A 352 -13.96 4.33 4.13
N VAL A 353 -14.65 3.88 3.08
CA VAL A 353 -15.81 3.02 3.19
C VAL A 353 -15.47 1.73 2.46
N TYR A 354 -16.01 0.61 2.95
CA TYR A 354 -15.74 -0.71 2.40
C TYR A 354 -17.06 -1.40 2.09
N PRO A 355 -17.69 -1.09 0.96
CA PRO A 355 -18.95 -1.76 0.63
C PRO A 355 -18.69 -3.20 0.25
N ASN A 356 -19.76 -3.98 0.25
CA ASN A 356 -19.67 -5.36 -0.21
C ASN A 356 -20.12 -5.44 -1.66
N ILE A 357 -19.42 -6.27 -2.43
CA ILE A 357 -19.72 -6.47 -3.83
C ILE A 357 -20.37 -7.84 -3.98
N ASN A 358 -21.64 -7.86 -4.37
CA ASN A 358 -22.35 -9.12 -4.56
C ASN A 358 -22.09 -9.57 -6.00
N GLN A 359 -21.28 -10.61 -6.15
CA GLN A 359 -20.79 -11.01 -7.46
C GLN A 359 -21.88 -11.55 -8.38
N MET A 360 -23.00 -12.01 -7.82
CA MET A 360 -24.01 -12.66 -8.63
C MET A 360 -25.37 -11.97 -8.59
N LYS A 361 -25.59 -11.03 -7.66
CA LYS A 361 -26.88 -10.39 -7.52
C LYS A 361 -26.78 -8.99 -8.08
N GLY A 362 -27.67 -8.65 -9.00
CA GLY A 362 -27.64 -7.37 -9.65
C GLY A 362 -28.28 -6.30 -8.82
N GLU A 363 -28.30 -5.09 -9.39
CA GLU A 363 -28.72 -3.89 -8.68
C GLU A 363 -30.16 -3.96 -8.19
N ASP A 364 -30.98 -4.84 -8.78
CA ASP A 364 -32.40 -5.00 -8.46
C ASP A 364 -32.69 -6.17 -7.52
N GLY A 365 -31.69 -6.87 -7.03
CA GLY A 365 -31.91 -8.08 -6.26
C GLY A 365 -32.13 -9.35 -7.06
N GLY A 366 -32.17 -9.27 -8.39
CA GLY A 366 -32.31 -10.46 -9.21
C GLY A 366 -31.00 -11.22 -9.31
N THR A 367 -31.10 -12.56 -9.35
CA THR A 367 -29.93 -13.42 -9.42
C THR A 367 -29.69 -13.98 -10.82
N GLY A 368 -30.70 -13.97 -11.68
CA GLY A 368 -30.68 -14.69 -12.94
C GLY A 368 -30.01 -14.04 -14.11
N THR A 369 -28.91 -13.37 -13.85
CA THR A 369 -28.11 -12.64 -14.83
C THR A 369 -26.76 -12.41 -14.16
N GLY A 370 -25.73 -12.22 -14.97
CA GLY A 370 -24.43 -12.14 -14.31
C GLY A 370 -24.12 -10.90 -13.48
N ARG A 371 -25.13 -10.12 -13.12
CA ARG A 371 -24.90 -8.75 -12.69
C ARG A 371 -24.38 -8.69 -11.26
N LEU A 372 -23.45 -7.77 -11.01
CA LEU A 372 -22.95 -7.53 -9.67
C LEU A 372 -23.58 -6.25 -9.12
N SER A 373 -23.28 -5.95 -7.86
CA SER A 373 -23.98 -4.85 -7.18
C SER A 373 -23.38 -4.60 -5.81
N TYR A 374 -23.35 -3.33 -5.41
CA TYR A 374 -22.78 -2.90 -4.16
C TYR A 374 -23.85 -2.81 -3.06
N THR A 375 -23.40 -2.99 -1.81
CA THR A 375 -24.20 -2.61 -0.65
C THR A 375 -23.28 -1.98 0.37
N GLY A 376 -23.81 -0.94 1.04
CA GLY A 376 -23.23 -0.32 2.21
C GLY A 376 -21.91 0.40 1.98
N PRO A 377 -21.92 1.53 1.26
CA PRO A 377 -23.07 2.14 0.57
C PRO A 377 -23.36 1.52 -0.79
N ALA A 378 -24.61 1.60 -1.24
CA ALA A 378 -25.00 1.10 -2.56
C ALA A 378 -24.63 2.14 -3.62
N LEU A 379 -23.40 2.04 -4.14
CA LEU A 379 -22.87 3.05 -5.06
C LEU A 379 -23.62 3.08 -6.38
N GLN A 380 -24.25 1.99 -6.77
CA GLN A 380 -25.03 2.03 -8.00
C GLN A 380 -26.33 2.80 -7.82
N GLN A 381 -26.73 3.11 -6.59
CA GLN A 381 -28.00 3.78 -6.35
C GLN A 381 -27.86 5.30 -6.27
N ILE A 382 -26.69 5.84 -6.57
CA ILE A 382 -26.61 7.28 -6.86
C ILE A 382 -27.27 7.54 -8.21
N PRO A 383 -28.22 8.47 -8.30
CA PRO A 383 -28.96 8.67 -9.57
C PRO A 383 -28.04 9.03 -10.74
N SER A 384 -28.61 8.91 -11.94
CA SER A 384 -27.92 9.25 -13.17
C SER A 384 -28.77 10.21 -14.02
N ARG A 385 -30.09 10.11 -13.91
CA ARG A 385 -31.01 11.03 -14.57
C ARG A 385 -31.49 12.15 -13.63
N ASN A 386 -30.76 12.40 -12.53
CA ASN A 386 -30.92 13.61 -11.71
C ASN A 386 -29.52 14.08 -11.37
N LYS A 387 -28.94 14.89 -12.25
CA LYS A 387 -27.57 15.37 -12.04
C LYS A 387 -27.43 16.20 -10.76
N ARG A 388 -28.54 16.69 -10.21
CA ARG A 388 -28.47 17.48 -8.98
C ARG A 388 -28.06 16.62 -7.79
N ILE A 389 -28.58 15.40 -7.70
CA ILE A 389 -28.25 14.52 -6.58
C ILE A 389 -26.83 14.01 -6.72
N ALA A 390 -26.44 13.51 -7.90
CA ALA A 390 -25.05 13.10 -8.09
C ALA A 390 -24.07 14.23 -7.78
N ALA A 391 -24.45 15.47 -8.06
CA ALA A 391 -23.56 16.60 -7.77
C ALA A 391 -23.47 16.90 -6.28
N ILE A 392 -24.50 16.55 -5.50
CA ILE A 392 -24.38 16.61 -4.05
C ILE A 392 -23.50 15.47 -3.51
N ILE A 393 -23.69 14.25 -4.00
CA ILE A 393 -23.03 13.09 -3.41
C ILE A 393 -21.60 12.95 -3.90
N LYS A 394 -21.39 12.93 -5.21
CA LYS A 394 -20.12 12.44 -5.74
C LYS A 394 -18.87 13.22 -5.30
N PRO A 395 -18.94 14.50 -4.89
CA PRO A 395 -17.73 15.13 -4.31
C PRO A 395 -17.23 14.43 -3.05
N ALA A 396 -18.03 13.57 -2.44
CA ALA A 396 -17.58 12.90 -1.23
C ALA A 396 -16.64 11.73 -1.51
N PHE A 397 -16.35 11.42 -2.77
CA PHE A 397 -15.56 10.23 -3.10
C PHE A 397 -14.26 10.62 -3.77
N LEU A 398 -13.13 10.07 -3.28
CA LEU A 398 -11.78 10.56 -3.54
C LEU A 398 -10.88 9.49 -4.16
N PRO A 399 -9.89 9.91 -5.01
CA PRO A 399 -8.88 8.96 -5.50
C PRO A 399 -7.91 8.59 -4.39
N GLU A 400 -6.93 7.72 -4.67
CA GLU A 400 -5.94 7.44 -3.67
C GLU A 400 -5.08 8.67 -3.43
N GLU A 401 -4.52 8.75 -2.22
CA GLU A 401 -3.69 9.89 -1.88
C GLU A 401 -2.54 10.01 -2.87
N GLY A 402 -2.39 11.19 -3.46
CA GLY A 402 -1.39 11.46 -4.46
C GLY A 402 -1.89 11.33 -5.88
N GLN A 403 -2.96 10.56 -6.11
CA GLN A 403 -3.43 10.23 -7.45
C GLN A 403 -4.56 11.15 -7.93
N LEU A 404 -5.02 10.90 -9.14
CA LEU A 404 -6.18 11.56 -9.74
C LEU A 404 -7.32 10.57 -9.93
N TRP A 405 -8.53 11.12 -10.08
CA TRP A 405 -9.73 10.33 -10.36
C TRP A 405 -9.99 10.33 -11.87
N LEU A 406 -9.90 9.16 -12.50
CA LEU A 406 -10.21 9.00 -13.92
C LEU A 406 -11.53 8.25 -14.07
N ASP A 407 -12.45 8.84 -14.80
CA ASP A 407 -13.74 8.23 -15.06
C ASP A 407 -13.82 7.86 -16.53
N SER A 408 -14.39 6.69 -16.83
CA SER A 408 -14.61 6.28 -18.21
C SER A 408 -15.90 5.47 -18.29
N ASP A 409 -16.34 5.24 -19.52
CA ASP A 409 -17.67 4.72 -19.79
C ASP A 409 -17.61 3.75 -20.96
N MET A 410 -18.19 2.57 -20.78
CA MET A 410 -18.46 1.70 -21.91
C MET A 410 -19.66 2.26 -22.65
N ALA A 411 -19.41 2.89 -23.80
CA ALA A 411 -20.44 3.67 -24.49
C ALA A 411 -21.50 2.74 -25.06
N SER A 412 -22.77 3.10 -24.85
CA SER A 412 -23.92 2.39 -25.44
C SER A 412 -23.77 0.88 -25.33
N PHE A 413 -23.43 0.44 -24.10
CA PHE A 413 -22.96 -0.91 -23.85
C PHE A 413 -24.02 -1.95 -24.18
N GLU A 414 -25.19 -1.85 -23.55
CA GLU A 414 -26.19 -2.89 -23.75
C GLU A 414 -26.75 -2.87 -25.16
N VAL A 415 -26.68 -1.73 -25.84
CA VAL A 415 -27.18 -1.70 -27.22
C VAL A 415 -26.21 -2.39 -28.16
N ARG A 416 -24.90 -2.20 -27.95
CA ARG A 416 -23.91 -2.94 -28.74
C ARG A 416 -24.04 -4.45 -28.54
N ILE A 417 -24.31 -4.89 -27.30
CA ILE A 417 -24.57 -6.31 -27.06
C ILE A 417 -25.74 -6.79 -27.91
N PHE A 418 -26.84 -6.03 -27.90
CA PHE A 418 -27.98 -6.28 -28.78
C PHE A 418 -27.53 -6.38 -30.23
N ALA A 419 -26.82 -5.36 -30.72
CA ALA A 419 -26.37 -5.36 -32.10
C ALA A 419 -25.60 -6.63 -32.44
N HIS A 420 -24.79 -7.10 -31.48
CA HIS A 420 -23.92 -8.25 -31.74
C HIS A 420 -24.72 -9.55 -31.81
N LEU A 421 -25.74 -9.69 -30.96
CA LEU A 421 -26.56 -10.89 -31.03
C LEU A 421 -27.35 -10.94 -32.31
N VAL A 422 -27.94 -9.81 -32.72
CA VAL A 422 -28.70 -9.81 -33.98
C VAL A 422 -27.76 -9.81 -35.19
N ALA A 423 -26.55 -9.26 -35.06
CA ALA A 423 -25.54 -9.36 -36.12
C ALA A 423 -25.33 -10.78 -36.63
N ALA A 424 -25.67 -11.80 -35.84
CA ALA A 424 -25.59 -13.18 -36.34
C ALA A 424 -26.54 -13.38 -37.51
N TYR A 425 -27.70 -12.71 -37.50
CA TYR A 425 -28.70 -12.87 -38.53
C TYR A 425 -28.80 -11.65 -39.44
N ASN A 426 -27.75 -10.83 -39.49
CA ASN A 426 -27.71 -9.61 -40.29
C ASN A 426 -26.28 -9.11 -40.44
N PRO A 427 -25.62 -9.40 -41.56
CA PRO A 427 -24.25 -8.91 -41.73
C PRO A 427 -24.15 -7.41 -41.97
N ALA A 428 -25.26 -6.69 -42.16
CA ALA A 428 -25.15 -5.24 -42.35
C ALA A 428 -24.77 -4.54 -41.04
N ILE A 429 -25.34 -5.01 -39.93
CA ILE A 429 -25.02 -4.46 -38.61
C ILE A 429 -23.54 -4.63 -38.30
N ALA A 430 -22.98 -5.80 -38.60
CA ALA A 430 -21.55 -6.00 -38.40
C ALA A 430 -20.73 -5.06 -39.29
N LYS A 431 -21.17 -4.88 -40.53
CA LYS A 431 -20.44 -4.02 -41.47
C LYS A 431 -20.59 -2.54 -41.11
N ALA A 432 -21.80 -2.15 -40.66
CA ALA A 432 -22.05 -0.75 -40.26
C ALA A 432 -21.13 -0.32 -39.12
N TYR A 433 -21.03 -1.14 -38.06
CA TYR A 433 -20.11 -0.86 -36.95
C TYR A 433 -18.65 -0.99 -37.39
N ALA A 434 -18.38 -1.80 -38.41
CA ALA A 434 -17.02 -1.93 -38.89
C ALA A 434 -16.52 -0.62 -39.49
N GLU A 435 -17.35 0.00 -40.36
CA GLU A 435 -16.98 1.28 -40.97
C GLU A 435 -16.93 2.39 -39.93
N ASN A 436 -17.96 2.48 -39.10
CA ASN A 436 -18.07 3.51 -38.06
C ASN A 436 -18.13 2.83 -36.70
N PRO A 437 -16.98 2.57 -36.07
CA PRO A 437 -17.01 1.93 -34.74
C PRO A 437 -17.81 2.71 -33.71
N GLU A 438 -17.95 4.02 -33.89
CA GLU A 438 -18.74 4.84 -32.99
C GLU A 438 -20.18 4.98 -33.45
N LEU A 439 -20.62 4.11 -34.35
CA LEU A 439 -22.01 4.12 -34.80
C LEU A 439 -22.98 4.16 -33.62
N ASP A 440 -24.05 4.92 -33.79
CA ASP A 440 -25.15 4.96 -32.84
C ASP A 440 -26.32 4.15 -33.42
N LEU A 441 -26.59 3.00 -32.82
CA LEU A 441 -27.54 2.07 -33.40
C LEU A 441 -28.90 2.72 -33.58
N HIS A 442 -29.31 3.55 -32.64
CA HIS A 442 -30.60 4.22 -32.79
C HIS A 442 -30.62 5.08 -34.05
N GLN A 443 -29.61 5.94 -34.23
CA GLN A 443 -29.56 6.80 -35.41
C GLN A 443 -29.42 5.99 -36.69
N TRP A 444 -28.71 4.86 -36.63
CA TRP A 444 -28.52 4.01 -37.81
C TRP A 444 -29.80 3.31 -38.25
N VAL A 445 -30.74 3.08 -37.33
CA VAL A 445 -32.02 2.49 -37.69
C VAL A 445 -33.01 3.57 -38.13
N GLY A 446 -33.03 4.69 -37.42
CA GLY A 446 -33.84 5.81 -37.86
C GLY A 446 -33.47 6.27 -39.26
N ASP A 447 -32.17 6.22 -39.58
CA ASP A 447 -31.72 6.67 -40.89
C ASP A 447 -32.18 5.74 -42.02
N LEU A 448 -32.70 4.55 -41.73
CA LEU A 448 -33.16 3.60 -42.75
C LEU A 448 -34.67 3.57 -42.89
N MET A 449 -35.38 3.60 -41.75
CA MET A 449 -36.84 3.68 -41.78
C MET A 449 -37.35 5.04 -42.21
N GLY A 450 -36.48 6.05 -42.28
CA GLY A 450 -36.89 7.42 -42.49
C GLY A 450 -37.64 8.00 -41.30
N ILE A 451 -37.15 7.75 -40.09
CA ILE A 451 -37.77 8.23 -38.85
C ILE A 451 -36.67 8.72 -37.91
N PRO A 452 -37.01 9.60 -36.96
CA PRO A 452 -35.97 10.22 -36.13
C PRO A 452 -35.48 9.33 -34.99
N ARG A 453 -34.25 9.62 -34.56
CA ARG A 453 -33.67 8.92 -33.42
C ARG A 453 -34.52 9.13 -32.17
N ASN A 454 -35.08 10.33 -32.00
CA ASN A 454 -35.87 10.68 -30.82
C ASN A 454 -37.21 11.28 -31.22
N ALA A 455 -38.08 11.40 -30.22
CA ALA A 455 -39.36 12.05 -30.44
C ALA A 455 -39.20 13.56 -30.33
N SER A 456 -39.73 14.27 -31.32
CA SER A 456 -39.94 15.71 -31.22
C SER A 456 -41.34 16.03 -30.74
N TYR A 457 -42.33 15.29 -31.24
CA TYR A 457 -43.71 15.51 -30.86
C TYR A 457 -44.32 14.20 -30.41
N SER A 458 -45.37 14.32 -29.60
CA SER A 458 -46.11 13.16 -29.14
C SER A 458 -46.66 12.37 -30.31
N GLY A 459 -46.60 11.05 -30.22
CA GLY A 459 -47.10 10.19 -31.28
C GLY A 459 -46.15 9.99 -32.45
N GLN A 460 -45.07 10.75 -32.52
CA GLN A 460 -44.06 10.57 -33.57
C GLN A 460 -43.26 9.30 -33.31
N PRO A 461 -43.21 8.35 -34.24
CA PRO A 461 -42.39 7.15 -34.02
C PRO A 461 -40.90 7.45 -34.10
N ASN A 462 -40.13 6.85 -33.20
CA ASN A 462 -38.70 7.09 -33.18
C ASN A 462 -37.93 5.77 -33.10
N ALA A 463 -36.65 5.83 -33.44
CA ALA A 463 -35.85 4.61 -33.49
C ALA A 463 -35.48 4.11 -32.10
N LYS A 464 -35.14 5.04 -31.18
CA LYS A 464 -34.75 4.65 -29.83
C LYS A 464 -35.81 3.75 -29.19
N GLN A 465 -37.03 4.26 -29.06
CA GLN A 465 -38.11 3.49 -28.44
C GLN A 465 -38.34 2.15 -29.15
N MET A 466 -38.31 2.15 -30.49
CA MET A 466 -38.40 0.90 -31.22
C MET A 466 -37.32 -0.06 -30.74
N ASN A 467 -36.06 0.35 -30.89
CA ASN A 467 -34.94 -0.53 -30.55
C ASN A 467 -35.04 -1.02 -29.12
N LEU A 468 -35.41 -0.14 -28.19
CA LEU A 468 -35.53 -0.54 -26.80
C LEU A 468 -36.72 -1.47 -26.55
N GLY A 469 -37.73 -1.45 -27.41
CA GLY A 469 -38.80 -2.43 -27.25
C GLY A 469 -38.47 -3.81 -27.74
N MET A 470 -37.50 -3.94 -28.66
CA MET A 470 -37.00 -5.25 -29.00
C MET A 470 -36.08 -5.78 -27.90
N ILE A 471 -35.31 -4.88 -27.30
CA ILE A 471 -34.32 -5.26 -26.28
C ILE A 471 -35.01 -5.83 -25.05
N PHE A 472 -35.98 -5.12 -24.52
CA PHE A 472 -36.90 -5.68 -23.52
C PHE A 472 -38.09 -6.23 -24.29
N ASN A 473 -38.14 -7.56 -24.45
CA ASN A 473 -39.13 -8.19 -25.31
C ASN A 473 -40.46 -7.58 -24.92
N ARG A 474 -41.01 -6.73 -25.79
CA ARG A 474 -42.15 -5.87 -25.48
C ARG A 474 -43.20 -6.18 -26.54
N GLY A 475 -44.45 -6.36 -26.10
CA GLY A 475 -45.53 -6.63 -27.03
C GLY A 475 -45.85 -5.41 -27.87
N ASP A 476 -46.69 -5.62 -28.87
CA ASP A 476 -46.96 -4.54 -29.81
C ASP A 476 -47.66 -3.37 -29.14
N GLY A 477 -48.59 -3.63 -28.21
CA GLY A 477 -49.23 -2.55 -27.49
C GLY A 477 -48.29 -1.83 -26.53
N ALA A 478 -47.45 -2.58 -25.83
CA ALA A 478 -46.39 -1.95 -25.03
C ALA A 478 -45.52 -1.05 -25.90
N VAL A 479 -45.22 -1.49 -27.13
CA VAL A 479 -44.46 -0.64 -28.04
C VAL A 479 -45.24 0.61 -28.40
N ALA A 480 -46.50 0.41 -28.84
CA ALA A 480 -47.37 1.54 -29.18
C ALA A 480 -47.47 2.54 -28.04
N ASP A 481 -47.71 2.04 -26.82
CA ASP A 481 -47.82 2.90 -25.66
C ASP A 481 -46.56 3.74 -25.46
N SER A 482 -45.39 3.13 -25.57
CA SER A 482 -44.16 3.92 -25.41
C SER A 482 -44.01 5.00 -26.48
N LEU A 483 -44.76 4.90 -27.59
CA LEU A 483 -44.68 5.85 -28.70
C LEU A 483 -45.80 6.88 -28.70
N GLY A 484 -46.83 6.71 -27.87
CA GLY A 484 -47.96 7.61 -27.94
C GLY A 484 -48.89 7.35 -29.10
N MET A 485 -48.76 6.19 -29.75
CA MET A 485 -49.62 5.74 -30.82
C MET A 485 -50.86 5.05 -30.25
N PRO A 486 -51.97 5.06 -30.98
CA PRO A 486 -53.23 4.55 -30.41
C PRO A 486 -53.15 3.06 -30.08
N TRP A 487 -53.77 2.70 -28.95
CA TRP A 487 -53.92 1.32 -28.49
C TRP A 487 -55.08 1.30 -27.49
N GLU A 488 -55.43 0.10 -27.00
CA GLU A 488 -56.53 -0.05 -26.05
C GLU A 488 -56.43 -1.41 -25.38
N TRP A 489 -57.07 -1.54 -24.22
CA TRP A 489 -57.03 -2.77 -23.42
C TRP A 489 -58.00 -3.81 -23.99
N CYS A 490 -57.75 -5.08 -23.65
CA CYS A 490 -58.57 -6.18 -24.15
C CYS A 490 -58.46 -7.37 -23.21
N GLU A 491 -59.55 -8.13 -23.11
CA GLU A 491 -59.60 -9.36 -22.33
C GLU A 491 -59.08 -10.55 -23.15
N PHE A 492 -58.81 -11.66 -22.46
CA PHE A 492 -58.31 -12.88 -23.11
C PHE A 492 -58.59 -14.14 -22.29
N ILE A 500 -55.33 -12.22 -18.43
CA ILE A 500 -56.66 -11.84 -18.90
C ILE A 500 -56.67 -10.45 -19.54
N ARG A 501 -55.84 -9.50 -19.07
CA ARG A 501 -55.83 -8.13 -19.61
C ARG A 501 -54.49 -7.79 -20.26
N TYR A 502 -54.54 -7.09 -21.40
CA TYR A 502 -53.33 -6.83 -22.19
C TYR A 502 -53.53 -5.59 -23.07
N LYS A 503 -52.40 -5.04 -23.55
CA LYS A 503 -52.40 -3.83 -24.37
C LYS A 503 -52.35 -4.21 -25.84
N LYS A 504 -53.46 -3.99 -26.55
CA LYS A 504 -53.61 -4.34 -27.95
C LYS A 504 -53.22 -3.14 -28.82
N ALA A 505 -52.28 -3.36 -29.73
CA ALA A 505 -51.75 -2.25 -30.52
C ALA A 505 -52.78 -1.78 -31.54
N GLY A 506 -52.73 -0.47 -31.84
CA GLY A 506 -53.58 0.10 -32.85
C GLY A 506 -53.12 -0.26 -34.26
N ARG A 507 -53.92 0.18 -35.24
CA ARG A 507 -53.59 -0.12 -36.63
C ARG A 507 -52.31 0.59 -37.05
N GLU A 508 -52.14 1.84 -36.63
CA GLU A 508 -50.97 2.61 -37.02
C GLU A 508 -49.69 2.11 -36.34
N ALA A 509 -49.82 1.42 -35.19
CA ALA A 509 -48.62 0.97 -34.49
C ALA A 509 -48.10 -0.35 -35.05
N LYS A 510 -49.00 -1.25 -35.44
CA LYS A 510 -48.58 -2.50 -36.07
C LYS A 510 -47.91 -2.27 -37.42
N SER A 511 -48.15 -1.12 -38.06
CA SER A 511 -47.50 -0.82 -39.34
C SER A 511 -46.02 -0.51 -39.15
N ILE A 512 -45.69 0.30 -38.14
CA ILE A 512 -44.29 0.67 -37.95
C ILE A 512 -43.52 -0.49 -37.37
N ILE A 513 -44.15 -1.31 -36.52
CA ILE A 513 -43.45 -2.48 -36.03
C ILE A 513 -43.17 -3.45 -37.17
N ALA A 514 -44.15 -3.64 -38.07
CA ALA A 514 -43.91 -4.50 -39.21
C ALA A 514 -42.87 -3.90 -40.14
N ALA A 515 -42.96 -2.60 -40.42
CA ALA A 515 -41.93 -1.95 -41.23
C ALA A 515 -40.56 -2.04 -40.57
N TYR A 516 -40.53 -2.07 -39.24
CA TYR A 516 -39.27 -2.22 -38.52
C TYR A 516 -38.62 -3.56 -38.84
N HIS A 517 -39.40 -4.64 -38.81
CA HIS A 517 -38.85 -5.97 -39.02
C HIS A 517 -38.54 -6.27 -40.49
N SER A 518 -38.92 -5.39 -41.42
CA SER A 518 -38.58 -5.52 -42.82
C SER A 518 -37.27 -4.81 -43.17
N GLN A 519 -37.04 -3.64 -42.59
CA GLN A 519 -35.81 -2.91 -42.82
C GLN A 519 -34.66 -3.39 -41.94
N ILE A 520 -34.97 -4.05 -40.83
CA ILE A 520 -33.96 -4.54 -39.89
C ILE A 520 -34.19 -6.04 -39.75
N GLN A 521 -33.56 -6.81 -40.63
CA GLN A 521 -33.72 -8.25 -40.58
C GLN A 521 -32.89 -8.82 -39.42
N GLY A 522 -33.43 -9.81 -38.72
CA GLY A 522 -32.69 -10.56 -37.72
C GLY A 522 -33.14 -10.32 -36.29
N VAL A 523 -33.69 -9.14 -35.99
CA VAL A 523 -34.17 -8.84 -34.66
C VAL A 523 -35.24 -9.84 -34.24
N LYS A 524 -36.21 -10.11 -35.12
CA LYS A 524 -37.26 -11.09 -34.83
C LYS A 524 -36.70 -12.50 -34.68
N THR A 525 -35.65 -12.83 -35.44
CA THR A 525 -35.06 -14.15 -35.32
C THR A 525 -34.37 -14.34 -33.98
N LEU A 526 -33.68 -13.30 -33.48
CA LEU A 526 -33.16 -13.34 -32.12
C LEU A 526 -34.24 -13.73 -31.12
N ALA A 527 -35.34 -12.99 -31.10
CA ALA A 527 -36.39 -13.25 -30.12
C ALA A 527 -36.91 -14.67 -30.23
N THR A 528 -37.16 -15.14 -31.46
CA THR A 528 -37.87 -16.39 -31.66
C THR A 528 -36.99 -17.59 -31.35
N ARG A 529 -35.77 -17.65 -31.92
CA ARG A 529 -34.86 -18.73 -31.59
C ARG A 529 -34.58 -18.76 -30.09
N ALA A 530 -34.43 -17.60 -29.47
CA ALA A 530 -34.21 -17.57 -28.03
C ALA A 530 -35.40 -18.18 -27.28
N GLN A 531 -36.63 -17.76 -27.62
CA GLN A 531 -37.80 -18.30 -26.93
C GLN A 531 -37.99 -19.77 -27.25
N LYS A 532 -37.79 -20.15 -28.51
CA LYS A 532 -37.94 -21.54 -28.91
C LYS A 532 -37.04 -22.45 -28.07
N ILE A 533 -35.72 -22.23 -28.15
CA ILE A 533 -34.78 -23.07 -27.42
C ILE A 533 -35.11 -23.06 -25.92
N ALA A 534 -35.58 -21.91 -25.39
CA ALA A 534 -35.97 -21.87 -24.00
C ALA A 534 -37.13 -22.82 -23.74
N GLU A 535 -38.04 -22.96 -24.71
CA GLU A 535 -39.19 -23.83 -24.51
C GLU A 535 -38.84 -25.31 -24.73
N GLU A 536 -38.07 -25.63 -25.78
CA GLU A 536 -37.67 -27.01 -26.01
C GLU A 536 -36.71 -27.51 -24.94
N ARG A 537 -35.47 -27.04 -24.99
CA ARG A 537 -34.41 -27.56 -24.13
C ARG A 537 -34.54 -27.13 -22.66
N GLY A 538 -35.25 -26.04 -22.36
CA GLY A 538 -35.42 -25.57 -21.01
C GLY A 538 -34.53 -24.42 -20.62
N TRP A 539 -33.47 -24.16 -21.38
CA TRP A 539 -32.55 -23.07 -21.08
C TRP A 539 -31.80 -22.64 -22.34
N ILE A 540 -31.23 -21.44 -22.27
CA ILE A 540 -30.28 -20.93 -23.25
C ILE A 540 -29.02 -20.51 -22.51
N GLN A 541 -27.98 -20.13 -23.26
CA GLN A 541 -26.73 -19.83 -22.58
C GLN A 541 -25.95 -18.73 -23.28
N THR A 542 -25.32 -17.86 -22.50
CA THR A 542 -24.35 -16.91 -23.02
C THR A 542 -23.14 -17.62 -23.64
N ALA A 543 -22.33 -16.85 -24.34
CA ALA A 543 -21.13 -17.44 -24.92
C ALA A 543 -20.08 -17.77 -23.87
N HIS A 544 -20.18 -17.19 -22.68
CA HIS A 544 -19.33 -17.64 -21.58
C HIS A 544 -19.89 -18.85 -20.87
N GLY A 545 -21.09 -19.30 -21.23
CA GLY A 545 -21.68 -20.51 -20.65
C GLY A 545 -22.61 -20.30 -19.47
N ARG A 546 -22.95 -19.07 -19.13
CA ARG A 546 -23.98 -18.83 -18.12
C ARG A 546 -25.32 -19.39 -18.59
N ARG A 547 -25.84 -20.37 -17.84
CA ARG A 547 -27.12 -21.00 -18.16
C ARG A 547 -28.30 -20.17 -17.63
N LEU A 548 -29.24 -19.84 -18.50
CA LEU A 548 -30.40 -19.05 -18.13
C LEU A 548 -31.64 -19.95 -18.27
N ARG A 549 -32.31 -20.21 -17.15
CA ARG A 549 -33.27 -21.32 -17.08
C ARG A 549 -34.70 -20.82 -17.05
N PHE A 550 -35.57 -21.54 -17.78
CA PHE A 550 -36.98 -21.19 -17.93
C PHE A 550 -37.82 -22.41 -17.58
N PRO A 551 -37.99 -22.69 -16.29
CA PRO A 551 -38.75 -23.87 -15.86
C PRO A 551 -40.18 -23.81 -16.36
N ASN A 552 -40.59 -24.88 -17.06
CA ASN A 552 -41.91 -24.97 -17.67
C ASN A 552 -42.15 -23.82 -18.65
N GLY A 553 -41.09 -23.34 -19.28
CA GLY A 553 -41.21 -22.27 -20.25
C GLY A 553 -41.69 -20.97 -19.65
N TYR A 554 -41.65 -20.87 -18.32
CA TYR A 554 -42.14 -19.67 -17.65
C TYR A 554 -41.39 -18.45 -18.17
N LYS A 555 -42.15 -17.45 -18.59
CA LYS A 555 -41.60 -16.17 -19.03
C LYS A 555 -40.55 -16.38 -20.13
N SER A 556 -40.79 -17.39 -20.98
CA SER A 556 -39.84 -17.73 -22.03
C SER A 556 -39.80 -16.71 -23.15
N TYR A 557 -40.86 -15.90 -23.30
CA TYR A 557 -40.88 -14.84 -24.31
C TYR A 557 -39.89 -13.73 -23.98
N LYS A 558 -39.39 -13.69 -22.74
CA LYS A 558 -38.34 -12.78 -22.29
C LYS A 558 -36.94 -13.27 -22.64
N ALA A 559 -36.82 -14.44 -23.27
CA ALA A 559 -35.54 -15.14 -23.39
C ALA A 559 -34.46 -14.30 -24.03
N SER A 560 -34.76 -13.61 -25.15
CA SER A 560 -33.72 -12.87 -25.87
C SER A 560 -33.23 -11.65 -25.09
N GLY A 561 -34.14 -10.94 -24.40
CA GLY A 561 -33.71 -9.80 -23.61
C GLY A 561 -32.80 -10.20 -22.46
N ILE A 562 -33.20 -11.22 -21.69
CA ILE A 562 -32.37 -11.73 -20.59
C ILE A 562 -31.02 -12.21 -21.10
N LEU A 563 -30.96 -12.75 -22.33
CA LEU A 563 -29.68 -13.07 -22.92
C LEU A 563 -28.79 -11.82 -23.05
N ILE A 564 -29.40 -10.67 -23.34
CA ILE A 564 -28.63 -9.44 -23.52
C ILE A 564 -28.06 -8.96 -22.19
N GLN A 565 -28.90 -8.92 -21.14
CA GLN A 565 -28.44 -8.58 -19.80
C GLN A 565 -27.30 -9.48 -19.34
N ALA A 566 -27.42 -10.79 -19.60
CA ALA A 566 -26.40 -11.74 -19.18
C ALA A 566 -25.12 -11.62 -20.00
N THR A 567 -25.24 -11.50 -21.32
CA THR A 567 -24.04 -11.34 -22.13
C THR A 567 -23.31 -10.04 -21.78
N ALA A 568 -24.07 -8.98 -21.48
CA ALA A 568 -23.46 -7.70 -21.11
C ALA A 568 -22.88 -7.75 -19.70
N ALA A 569 -23.44 -8.59 -18.83
CA ALA A 569 -22.83 -8.79 -17.52
C ALA A 569 -21.59 -9.65 -17.60
N ASP A 570 -21.54 -10.58 -18.57
CA ASP A 570 -20.34 -11.37 -18.79
C ASP A 570 -19.18 -10.50 -19.21
N GLU A 571 -19.42 -9.62 -20.17
CA GLU A 571 -18.39 -8.73 -20.71
C GLU A 571 -18.05 -7.58 -19.77
N ASN A 572 -18.88 -7.33 -18.75
CA ASN A 572 -18.55 -6.39 -17.69
C ASN A 572 -17.54 -6.98 -16.73
N LYS A 573 -17.76 -8.22 -16.30
CA LYS A 573 -16.75 -8.92 -15.51
C LYS A 573 -15.48 -9.12 -16.32
N GLU A 574 -15.60 -9.22 -17.64
CA GLU A 574 -14.40 -9.23 -18.47
C GLU A 574 -13.67 -7.90 -18.40
N ASN A 575 -14.40 -6.80 -18.17
CA ASN A 575 -13.77 -5.48 -18.06
C ASN A 575 -12.91 -5.35 -16.81
N TRP A 576 -13.48 -5.67 -15.63
CA TRP A 576 -12.70 -5.64 -14.38
C TRP A 576 -11.39 -6.37 -14.53
N LEU A 577 -11.45 -7.59 -15.09
CA LEU A 577 -10.26 -8.39 -15.30
C LEU A 577 -9.23 -7.63 -16.13
N ARG A 578 -9.68 -7.02 -17.23
CA ARG A 578 -8.75 -6.34 -18.14
C ARG A 578 -8.22 -5.03 -17.56
N ILE A 579 -9.07 -4.27 -16.85
CA ILE A 579 -8.61 -3.01 -16.25
C ILE A 579 -7.61 -3.30 -15.12
N GLU A 580 -8.03 -4.09 -14.13
CA GLU A 580 -7.14 -4.44 -13.03
C GLU A 580 -5.76 -4.87 -13.52
N ASP A 581 -5.73 -5.61 -14.62
CA ASP A 581 -4.45 -6.04 -15.18
C ASP A 581 -3.69 -4.88 -15.79
N ALA A 582 -4.38 -4.01 -16.53
CA ALA A 582 -3.72 -2.96 -17.30
C ALA A 582 -3.18 -1.85 -16.42
N LEU A 583 -3.85 -1.57 -15.30
CA LEU A 583 -3.34 -0.57 -14.37
C LEU A 583 -2.07 -1.05 -13.70
N GLY A 584 -2.07 -2.29 -13.21
CA GLY A 584 -0.91 -2.80 -12.49
C GLY A 584 -0.56 -1.89 -11.33
N SER A 585 0.70 -1.48 -11.29
CA SER A 585 1.19 -0.64 -10.20
C SER A 585 0.85 0.82 -10.41
N ASP A 586 0.54 1.23 -11.64
CA ASP A 586 0.27 2.62 -11.94
C ASP A 586 -1.06 3.10 -11.36
N GLY A 587 -1.91 2.19 -10.88
CA GLY A 587 -3.18 2.62 -10.36
C GLY A 587 -4.01 1.46 -9.85
N SER A 588 -5.29 1.75 -9.66
CA SER A 588 -6.24 0.81 -9.08
C SER A 588 -7.61 1.19 -9.56
N MET A 589 -8.45 0.20 -9.82
CA MET A 589 -9.85 0.52 -10.07
C MET A 589 -10.53 0.94 -8.78
N ILE A 590 -11.13 2.13 -8.78
CA ILE A 590 -11.92 2.57 -7.64
C ILE A 590 -13.25 1.83 -7.57
N LEU A 591 -14.07 1.94 -8.62
CA LEU A 591 -15.39 1.33 -8.59
C LEU A 591 -15.93 1.24 -10.01
N ASN A 592 -17.06 0.53 -10.13
CA ASN A 592 -17.80 0.39 -11.37
C ASN A 592 -19.28 0.55 -11.06
N THR A 593 -19.92 1.56 -11.65
CA THR A 593 -21.37 1.74 -11.55
C THR A 593 -21.94 1.77 -12.95
N HIS A 594 -22.91 0.89 -13.21
CA HIS A 594 -23.64 0.86 -14.49
C HIS A 594 -22.62 0.57 -15.58
N ASP A 595 -22.49 1.43 -16.59
CA ASP A 595 -21.51 1.18 -17.64
C ASP A 595 -20.27 2.06 -17.48
N SER A 596 -20.03 2.58 -16.26
CA SER A 596 -18.91 3.48 -15.98
C SER A 596 -17.82 2.78 -15.18
N TYR A 597 -16.58 3.24 -15.34
CA TYR A 597 -15.44 2.65 -14.65
C TYR A 597 -14.54 3.76 -14.15
N SER A 598 -14.41 3.85 -12.84
CA SER A 598 -13.61 4.87 -12.17
C SER A 598 -12.26 4.28 -11.76
N MET A 599 -11.20 5.08 -11.86
CA MET A 599 -9.85 4.60 -11.60
C MET A 599 -9.04 5.66 -10.88
N SER A 600 -8.24 5.23 -9.91
CA SER A 600 -7.25 6.08 -9.24
C SER A 600 -5.91 5.91 -9.95
N VAL A 601 -5.45 6.96 -10.62
CA VAL A 601 -4.28 6.87 -11.49
C VAL A 601 -3.24 7.91 -11.10
N ASP A 602 -1.99 7.67 -11.54
CA ASP A 602 -0.93 8.60 -11.19
C ASP A 602 -1.12 9.93 -11.93
N GLU A 603 -0.40 10.95 -11.47
CA GLU A 603 -0.64 12.29 -12.01
C GLU A 603 -0.31 12.34 -13.50
N ASN A 604 0.62 11.53 -13.97
CA ASN A 604 0.89 11.41 -15.40
C ASN A 604 -0.07 10.39 -16.00
N TRP A 605 -1.31 10.85 -16.16
CA TRP A 605 -2.41 9.90 -16.34
C TRP A 605 -2.59 9.46 -17.79
N LYS A 606 -2.19 10.28 -18.77
CA LYS A 606 -2.50 9.94 -20.16
C LYS A 606 -1.85 8.63 -20.59
N PRO A 607 -0.59 8.33 -20.25
CA PRO A 607 -0.06 7.01 -20.62
C PRO A 607 -0.81 5.86 -19.98
N ILE A 608 -1.13 5.96 -18.68
CA ILE A 608 -1.93 4.91 -18.04
C ILE A 608 -3.27 4.76 -18.73
N TRP A 609 -3.94 5.88 -19.04
CA TRP A 609 -5.27 5.78 -19.61
C TRP A 609 -5.24 5.09 -20.96
N GLU A 610 -4.25 5.42 -21.79
CA GLU A 610 -4.20 4.82 -23.13
C GLU A 610 -3.90 3.32 -23.05
N ARG A 611 -3.20 2.87 -22.02
CA ARG A 611 -3.00 1.43 -21.86
C ARG A 611 -4.29 0.75 -21.44
N VAL A 612 -5.03 1.33 -20.51
CA VAL A 612 -6.30 0.74 -20.14
C VAL A 612 -7.24 0.69 -21.34
N LYS A 613 -7.30 1.78 -22.11
CA LYS A 613 -8.21 1.84 -23.25
C LYS A 613 -7.90 0.74 -24.28
N LYS A 614 -6.62 0.53 -24.62
CA LYS A 614 -6.33 -0.52 -25.59
C LYS A 614 -6.51 -1.91 -25.00
N ALA A 615 -6.30 -2.06 -23.68
CA ALA A 615 -6.49 -3.35 -23.04
C ALA A 615 -7.96 -3.73 -22.94
N VAL A 616 -8.84 -2.75 -22.82
CA VAL A 616 -10.25 -3.02 -22.67
C VAL A 616 -10.96 -3.06 -24.02
N GLU A 617 -10.65 -2.14 -24.92
CA GLU A 617 -11.38 -2.08 -26.18
C GLU A 617 -11.09 -3.32 -26.99
N ARG A 618 -12.13 -4.01 -27.39
CA ARG A 618 -11.95 -5.25 -28.11
C ARG A 618 -12.99 -5.33 -29.23
N GLN A 619 -12.65 -6.14 -30.23
CA GLN A 619 -13.50 -6.40 -31.38
C GLN A 619 -13.74 -7.90 -31.52
N THR A 620 -13.71 -8.61 -30.38
CA THR A 620 -13.85 -10.06 -30.32
C THR A 620 -15.31 -10.51 -30.35
N LEU A 621 -16.25 -9.59 -30.21
CA LEU A 621 -17.63 -9.84 -30.59
C LEU A 621 -17.87 -9.28 -32.00
N ARG A 622 -19.13 -9.34 -32.44
CA ARG A 622 -19.49 -8.98 -33.81
C ARG A 622 -19.50 -7.47 -34.04
N VAL A 623 -19.59 -6.67 -32.97
CA VAL A 623 -19.52 -5.22 -33.04
C VAL A 623 -18.49 -4.78 -32.00
N PRO A 624 -17.77 -3.68 -32.19
CA PRO A 624 -16.73 -3.29 -31.21
C PRO A 624 -17.28 -2.86 -29.85
N LEU A 625 -16.45 -3.09 -28.82
CA LEU A 625 -16.64 -2.55 -27.47
C LEU A 625 -15.70 -1.36 -27.28
N LEU A 626 -16.26 -0.19 -26.98
CA LEU A 626 -15.43 1.02 -26.84
C LEU A 626 -15.48 1.53 -25.41
N LEU A 627 -14.31 1.93 -24.89
CA LEU A 627 -14.14 2.59 -23.61
C LEU A 627 -13.81 4.07 -23.88
N GLU A 628 -14.78 4.95 -23.64
CA GLU A 628 -14.63 6.37 -23.95
C GLU A 628 -14.27 7.19 -22.71
N PHE A 629 -13.22 7.99 -22.83
CA PHE A 629 -12.77 8.83 -21.72
C PHE A 629 -13.90 9.75 -21.22
N ASP A 630 -13.91 10.02 -19.92
CA ASP A 630 -14.96 10.86 -19.35
C ASP A 630 -14.48 12.06 -18.58
N GLY A 631 -13.24 12.07 -18.08
CA GLY A 631 -12.70 13.22 -17.38
C GLY A 631 -11.82 12.77 -16.24
N VAL A 632 -10.96 13.68 -15.76
CA VAL A 632 -10.12 13.45 -14.59
C VAL A 632 -10.32 14.59 -13.59
N GLY A 633 -10.10 14.28 -12.31
CA GLY A 633 -10.29 15.29 -11.29
C GLY A 633 -9.75 14.88 -9.94
N LYS A 634 -9.92 15.78 -8.98
CA LYS A 634 -9.53 15.53 -7.60
C LYS A 634 -10.58 14.73 -6.83
N ASN A 635 -11.76 14.55 -7.40
CA ASN A 635 -12.76 13.68 -6.82
C ASN A 635 -13.75 13.30 -7.91
N TRP A 636 -14.68 12.40 -7.54
CA TRP A 636 -15.56 11.75 -8.50
C TRP A 636 -16.41 12.76 -9.26
N ALA A 637 -16.96 13.77 -8.58
CA ALA A 637 -17.78 14.77 -9.26
C ALA A 637 -16.97 15.55 -10.28
N GLU A 638 -15.75 15.96 -9.92
CA GLU A 638 -14.96 16.83 -10.78
C GLU A 638 -14.51 16.10 -12.04
N ALA A 639 -14.25 14.80 -11.95
CA ALA A 639 -13.92 14.03 -13.15
C ALA A 639 -15.12 13.95 -14.10
N LYS A 640 -16.32 13.89 -13.55
CA LYS A 640 -17.50 13.82 -14.41
C LYS A 640 -17.96 15.19 -14.93
N GLY A 641 -17.47 16.29 -14.35
CA GLY A 641 -17.73 17.62 -14.89
C GLY A 641 -18.85 18.39 -14.23
N LEU A 642 -19.29 17.98 -13.06
CA LEU A 642 -20.50 18.48 -12.44
C LEU A 642 -20.35 19.88 -11.82
N MET B 14 35.88 20.25 -22.30
CA MET B 14 35.21 19.35 -21.36
C MET B 14 33.83 18.89 -21.89
N LYS B 15 33.83 18.40 -23.14
CA LYS B 15 32.68 17.78 -23.79
C LYS B 15 31.63 18.77 -24.33
N LEU B 16 31.55 19.99 -23.77
CA LEU B 16 30.58 20.98 -24.26
C LEU B 16 31.12 22.39 -24.14
N ASP B 17 30.65 23.26 -25.04
CA ASP B 17 31.08 24.67 -25.10
C ASP B 17 30.02 25.54 -24.44
N TRP B 18 30.09 25.61 -23.11
CA TRP B 18 29.04 26.28 -22.35
C TRP B 18 29.04 27.77 -22.61
N GLU B 19 30.21 28.40 -22.61
CA GLU B 19 30.32 29.84 -22.76
C GLU B 19 29.89 30.34 -24.13
N ARG B 20 29.58 29.45 -25.06
CA ARG B 20 29.06 29.83 -26.37
C ARG B 20 27.59 29.52 -26.54
N THR B 21 27.14 28.36 -26.06
CA THR B 21 25.76 27.92 -26.22
C THR B 21 24.88 28.16 -25.01
N GLY B 22 25.46 28.28 -23.83
CA GLY B 22 24.70 28.18 -22.60
C GLY B 22 24.23 29.50 -22.06
N ARG B 23 23.67 29.44 -20.86
CA ARG B 23 23.23 30.55 -20.01
C ARG B 23 22.06 31.32 -20.60
N ARG B 24 21.48 30.87 -21.71
CA ARG B 24 20.40 31.59 -22.38
C ARG B 24 19.19 30.70 -22.67
N MET B 25 19.00 29.63 -21.90
CA MET B 25 17.97 28.65 -22.24
C MET B 25 16.58 29.22 -21.96
N GLY B 26 15.69 29.09 -22.95
CA GLY B 26 14.30 29.40 -22.79
C GLY B 26 13.53 28.21 -22.28
N PHE B 27 12.20 28.37 -22.24
CA PHE B 27 11.33 27.31 -21.76
C PHE B 27 11.20 26.16 -22.76
N ILE B 28 12.30 25.44 -23.02
CA ILE B 28 12.34 24.49 -24.13
C ILE B 28 11.62 23.20 -23.77
N ASP B 29 11.73 22.20 -24.65
CA ASP B 29 11.12 20.89 -24.44
C ASP B 29 12.20 19.90 -24.00
N LEU B 30 12.09 19.42 -22.77
CA LEU B 30 13.11 18.57 -22.18
C LEU B 30 12.90 17.08 -22.49
N SER B 31 11.73 16.67 -23.00
CA SER B 31 11.53 15.28 -23.37
C SER B 31 12.55 14.80 -24.41
N LYS B 32 13.15 15.74 -25.15
CA LYS B 32 14.13 15.38 -26.18
C LYS B 32 15.41 14.80 -25.58
N TYR B 33 15.63 14.97 -24.28
CA TYR B 33 16.92 14.69 -23.65
C TYR B 33 16.78 13.55 -22.64
N GLU B 34 17.70 12.58 -22.73
CA GLU B 34 17.71 11.47 -21.78
C GLU B 34 18.22 11.88 -20.39
N VAL B 35 18.76 13.10 -20.27
CA VAL B 35 19.37 13.55 -19.02
C VAL B 35 19.26 15.06 -18.97
N TRP B 36 19.19 15.61 -17.76
CA TRP B 36 19.45 17.04 -17.61
C TRP B 36 19.72 17.34 -16.13
N SER B 37 20.38 18.48 -15.92
CA SER B 37 20.76 18.97 -14.60
C SER B 37 19.59 19.68 -13.95
N TYR B 38 19.68 19.83 -12.64
CA TYR B 38 18.75 20.64 -11.89
C TYR B 38 19.47 21.13 -10.63
N ASP B 39 19.46 22.45 -10.41
CA ASP B 39 19.96 23.03 -9.17
C ASP B 39 18.94 24.03 -8.63
N THR B 40 18.96 24.25 -7.32
CA THR B 40 18.05 25.20 -6.67
C THR B 40 18.85 26.27 -5.92
N GLU B 41 18.35 27.49 -5.96
CA GLU B 41 18.80 28.53 -5.06
C GLU B 41 17.68 28.83 -4.08
N CYS B 42 18.01 28.87 -2.79
CA CYS B 42 17.00 29.02 -1.76
C CYS B 42 17.38 30.14 -0.80
N THR B 43 16.41 30.53 0.01
CA THR B 43 16.62 31.56 1.01
C THR B 43 17.55 31.09 2.13
N GLY B 44 17.69 29.79 2.31
CA GLY B 44 18.60 29.24 3.30
C GLY B 44 18.75 27.74 3.14
N LEU B 45 19.25 27.09 4.19
CA LEU B 45 19.50 25.65 4.12
C LEU B 45 18.53 24.80 4.93
N GLN B 46 17.59 25.41 5.66
CA GLN B 46 16.82 24.66 6.65
C GLN B 46 15.51 24.18 6.06
N TYR B 47 15.37 22.86 5.97
CA TYR B 47 14.20 22.26 5.35
C TYR B 47 12.93 22.55 6.17
N LYS B 48 11.86 22.89 5.44
CA LYS B 48 10.57 23.31 5.96
C LYS B 48 10.57 24.72 6.58
N VAL B 49 11.59 25.55 6.30
CA VAL B 49 11.47 26.98 6.60
C VAL B 49 11.91 27.76 5.37
N ASP B 50 12.93 27.28 4.68
CA ASP B 50 13.49 27.99 3.54
C ASP B 50 12.84 27.49 2.27
N LYS B 51 12.66 28.40 1.30
CA LYS B 51 11.99 28.09 0.05
C LYS B 51 12.89 28.39 -1.14
N VAL B 52 12.57 27.71 -2.26
CA VAL B 52 13.25 27.95 -3.53
C VAL B 52 12.78 29.27 -4.13
N PHE B 53 13.72 30.14 -4.47
CA PHE B 53 13.38 31.34 -5.22
C PHE B 53 13.90 31.30 -6.65
N GLY B 54 14.70 30.31 -7.00
CA GLY B 54 15.15 30.20 -8.39
C GLY B 54 15.72 28.83 -8.62
N PHE B 55 15.92 28.51 -9.91
CA PHE B 55 16.53 27.23 -10.24
C PHE B 55 17.10 27.30 -11.64
N SER B 56 17.96 26.34 -11.95
CA SER B 56 18.65 26.36 -13.23
C SER B 56 18.75 24.95 -13.77
N ILE B 57 18.83 24.84 -15.09
CA ILE B 57 18.79 23.54 -15.77
C ILE B 57 19.81 23.57 -16.89
N ALA B 58 20.59 22.49 -17.00
CA ALA B 58 21.53 22.31 -18.11
C ALA B 58 21.08 21.14 -18.97
N THR B 59 21.39 21.21 -20.27
CA THR B 59 21.00 20.15 -21.20
C THR B 59 22.21 19.56 -21.91
N PRO B 60 22.22 18.25 -22.18
CA PRO B 60 23.42 17.62 -22.74
C PRO B 60 23.80 18.12 -24.10
N ASP B 61 22.90 18.83 -24.79
CA ASP B 61 23.20 19.43 -26.09
C ASP B 61 23.82 20.81 -25.99
N GLY B 62 23.91 21.39 -24.78
CA GLY B 62 24.63 22.63 -24.56
C GLY B 62 23.81 23.80 -24.08
N GLN B 63 22.49 23.68 -23.94
CA GLN B 63 21.73 24.80 -23.41
C GLN B 63 21.74 24.78 -21.89
N SER B 64 21.61 25.96 -21.30
CA SER B 64 21.52 26.10 -19.85
C SER B 64 20.87 27.44 -19.56
N GLY B 65 20.21 27.53 -18.40
CA GLY B 65 19.46 28.71 -18.05
C GLY B 65 19.04 28.76 -16.59
N TYR B 66 18.99 29.95 -16.02
CA TYR B 66 18.52 30.17 -14.66
C TYR B 66 17.20 30.92 -14.70
N PHE B 67 16.35 30.66 -13.71
CA PHE B 67 15.01 31.22 -13.72
C PHE B 67 14.70 31.69 -12.30
N ASP B 68 14.42 32.98 -12.15
CA ASP B 68 13.96 33.53 -10.88
C ASP B 68 12.45 33.39 -10.86
N VAL B 69 11.93 32.58 -9.94
CA VAL B 69 10.49 32.30 -9.97
C VAL B 69 9.66 33.45 -9.44
N ARG B 70 10.25 34.47 -8.84
CA ARG B 70 9.50 35.69 -8.57
C ARG B 70 9.37 36.55 -9.84
N GLU B 71 10.43 36.59 -10.65
CA GLU B 71 10.40 37.35 -11.91
C GLU B 71 9.76 36.57 -13.06
N GLN B 72 9.81 35.25 -13.04
CA GLN B 72 9.26 34.43 -14.12
C GLN B 72 8.34 33.35 -13.54
N PRO B 73 7.14 33.73 -13.09
CA PRO B 73 6.21 32.75 -12.52
C PRO B 73 5.84 31.62 -13.45
N GLU B 74 5.80 31.85 -14.76
CA GLU B 74 5.40 30.80 -15.68
C GLU B 74 6.44 29.69 -15.76
N SER B 75 7.67 29.93 -15.29
CA SER B 75 8.65 28.86 -15.28
C SER B 75 8.23 27.74 -14.35
N LEU B 76 7.45 28.05 -13.33
CA LEU B 76 6.92 26.99 -12.48
C LEU B 76 5.98 26.07 -13.26
N GLN B 77 5.09 26.64 -14.08
CA GLN B 77 4.17 25.75 -14.79
C GLN B 77 4.87 25.10 -15.97
N TRP B 78 5.82 25.79 -16.60
CA TRP B 78 6.66 25.10 -17.57
C TRP B 78 7.34 23.89 -16.93
N LEU B 79 7.96 24.10 -15.76
CA LEU B 79 8.69 23.03 -15.09
C LEU B 79 7.77 21.86 -14.73
N ALA B 80 6.62 22.16 -14.11
CA ALA B 80 5.65 21.13 -13.78
C ALA B 80 5.31 20.29 -15.01
N GLU B 81 5.04 20.95 -16.13
CA GLU B 81 4.66 20.23 -17.33
C GLU B 81 5.81 19.42 -17.89
N GLN B 82 7.05 19.79 -17.62
CA GLN B 82 8.14 19.00 -18.16
C GLN B 82 8.46 17.79 -17.30
N VAL B 83 8.52 17.96 -15.98
CA VAL B 83 8.97 16.86 -15.13
C VAL B 83 7.84 15.88 -14.89
N GLU B 84 6.59 16.34 -14.91
CA GLU B 84 5.47 15.47 -14.60
C GLU B 84 5.42 14.24 -15.50
N PRO B 85 5.62 14.32 -16.81
CA PRO B 85 5.68 13.12 -17.65
C PRO B 85 7.08 12.66 -18.04
N TYR B 86 8.14 13.24 -17.47
CA TYR B 86 9.49 12.94 -17.90
C TYR B 86 9.93 11.57 -17.43
N LYS B 87 10.58 10.80 -18.32
CA LYS B 87 11.02 9.45 -17.99
C LYS B 87 12.50 9.23 -18.26
N GLY B 88 13.29 10.32 -18.33
CA GLY B 88 14.74 10.20 -18.38
C GLY B 88 15.42 10.30 -17.02
N THR B 89 16.57 10.97 -16.96
CA THR B 89 17.32 11.17 -15.71
C THR B 89 17.35 12.66 -15.37
N ILE B 90 17.01 12.99 -14.13
CA ILE B 90 17.17 14.34 -13.61
C ILE B 90 18.36 14.31 -12.67
N VAL B 91 19.41 15.04 -13.01
CA VAL B 91 20.69 14.96 -12.30
C VAL B 91 20.79 16.14 -11.34
N CYS B 92 20.94 15.85 -10.05
CA CYS B 92 21.30 16.85 -9.06
C CYS B 92 22.61 16.46 -8.43
N HIS B 93 23.34 17.46 -7.92
CA HIS B 93 24.53 17.08 -7.19
C HIS B 93 24.22 16.63 -5.76
N ASN B 94 23.21 17.23 -5.11
CA ASN B 94 22.76 16.77 -3.79
C ASN B 94 21.25 16.57 -3.89
N ALA B 95 20.87 15.36 -4.33
CA ALA B 95 19.48 15.10 -4.69
C ALA B 95 18.53 15.27 -3.51
N SER B 96 18.88 14.76 -2.33
CA SER B 96 17.98 14.90 -1.19
C SER B 96 17.73 16.36 -0.85
N PHE B 97 18.71 17.23 -1.07
CA PHE B 97 18.49 18.65 -0.80
C PHE B 97 17.52 19.23 -1.81
N ASP B 98 17.92 19.24 -3.08
CA ASP B 98 17.11 19.86 -4.11
C ASP B 98 15.72 19.26 -4.18
N TYR B 99 15.57 17.95 -3.92
CA TYR B 99 14.22 17.38 -3.91
C TYR B 99 13.41 17.93 -2.74
N ARG B 100 13.98 17.99 -1.55
CA ARG B 100 13.15 18.32 -0.41
C ARG B 100 12.76 19.80 -0.42
N MET B 101 13.69 20.71 -0.80
CA MET B 101 13.34 22.12 -0.87
C MET B 101 12.32 22.39 -1.96
N SER B 102 12.49 21.77 -3.14
CA SER B 102 11.49 21.91 -4.19
C SER B 102 10.14 21.44 -3.72
N LEU B 103 10.11 20.35 -2.96
CA LEU B 103 8.85 19.80 -2.46
C LEU B 103 8.18 20.77 -1.49
N HIS B 104 8.94 21.30 -0.53
CA HIS B 104 8.36 22.25 0.40
C HIS B 104 7.85 23.49 -0.32
N SER B 105 8.44 23.77 -1.48
CA SER B 105 8.10 24.98 -2.23
C SER B 105 7.04 24.71 -3.28
N GLY B 106 6.49 23.49 -3.33
CA GLY B 106 5.44 23.11 -4.28
C GLY B 106 5.91 22.62 -5.64
N ILE B 107 7.21 22.52 -5.85
CA ILE B 107 7.77 22.03 -7.11
C ILE B 107 7.90 20.52 -6.97
N LYS B 108 6.94 19.78 -7.53
CA LYS B 108 6.86 18.33 -7.31
C LYS B 108 7.64 17.62 -8.41
N LEU B 109 8.91 17.30 -8.13
CA LEU B 109 9.69 16.47 -9.02
C LEU B 109 9.32 15.00 -8.87
N PRO B 110 9.45 14.22 -9.92
CA PRO B 110 9.24 12.77 -9.81
C PRO B 110 10.47 12.11 -9.20
N LEU B 111 10.31 11.59 -7.98
CA LEU B 111 11.45 11.24 -7.13
C LEU B 111 12.34 10.18 -7.77
N SER B 112 11.77 9.29 -8.57
CA SER B 112 12.52 8.13 -9.03
C SER B 112 13.31 8.40 -10.29
N GLN B 113 13.24 9.60 -10.85
CA GLN B 113 14.04 9.97 -12.00
C GLN B 113 15.32 10.66 -11.61
N ILE B 114 15.51 10.95 -10.34
CA ILE B 114 16.55 11.87 -9.90
C ILE B 114 17.82 11.08 -9.59
N ASP B 115 18.94 11.60 -10.05
CA ASP B 115 20.24 11.03 -9.75
C ASP B 115 21.00 12.02 -8.90
N ASP B 116 22.13 11.57 -8.36
CA ASP B 116 22.91 12.35 -7.41
C ASP B 116 24.38 12.14 -7.77
N THR B 117 25.06 13.21 -8.20
CA THR B 117 26.47 13.01 -8.54
C THR B 117 27.32 12.76 -7.32
N GLY B 118 26.88 13.21 -6.13
CA GLY B 118 27.66 12.97 -4.92
C GLY B 118 27.71 11.51 -4.55
N ILE B 119 26.55 10.84 -4.54
CA ILE B 119 26.54 9.39 -4.30
C ILE B 119 27.32 8.65 -5.38
N ARG B 120 27.12 9.03 -6.65
CA ARG B 120 27.88 8.43 -7.73
C ARG B 120 29.37 8.61 -7.54
N ALA B 121 29.80 9.72 -6.94
CA ALA B 121 31.21 9.92 -6.75
C ALA B 121 31.77 8.94 -5.70
N CYS B 122 30.99 8.64 -4.65
CA CYS B 122 31.46 7.72 -3.60
C CYS B 122 31.59 6.29 -4.10
N CYS B 123 30.77 5.89 -5.08
CA CYS B 123 30.94 4.60 -5.73
C CYS B 123 32.18 4.56 -6.61
N ILE B 124 32.61 5.69 -7.14
CA ILE B 124 33.77 5.66 -8.01
C ILE B 124 35.07 5.76 -7.21
N ASN B 125 35.02 6.46 -6.07
CA ASN B 125 36.19 6.55 -5.20
C ASN B 125 35.72 7.02 -3.82
N GLU B 126 35.84 6.15 -2.83
CA GLU B 126 35.41 6.44 -1.47
C GLU B 126 36.47 7.14 -0.64
N HIS B 127 37.59 7.51 -1.25
CA HIS B 127 38.74 8.04 -0.51
C HIS B 127 39.09 9.47 -0.92
N GLU B 128 38.12 10.21 -1.49
CA GLU B 128 38.42 11.53 -2.04
C GLU B 128 38.93 12.49 -0.98
N SER B 129 38.48 12.33 0.25
CA SER B 129 38.91 13.16 1.38
C SER B 129 39.76 12.42 2.38
N THR B 130 39.95 11.11 2.20
CA THR B 130 40.87 10.38 3.06
C THR B 130 42.28 10.94 2.90
N ILE B 131 42.96 11.07 4.02
CA ILE B 131 44.26 11.72 4.12
C ILE B 131 45.30 10.61 4.31
N PHE B 132 45.95 10.22 3.21
CA PHE B 132 46.92 9.14 3.21
C PHE B 132 48.26 9.66 3.74
N PRO B 133 49.25 8.77 3.93
CA PRO B 133 50.59 9.27 4.30
C PRO B 133 51.36 9.91 3.15
N TRP B 134 50.84 9.86 1.92
CA TRP B 134 51.48 10.44 0.76
C TRP B 134 50.74 11.61 0.15
N THR B 135 49.57 11.97 0.66
CA THR B 135 48.82 13.11 0.11
C THR B 135 49.44 14.41 0.60
N ARG B 136 49.66 15.34 -0.33
CA ARG B 136 50.27 16.64 -0.04
C ARG B 136 49.20 17.72 0.07
N GLY B 137 49.21 18.45 1.18
CA GLY B 137 48.36 19.63 1.28
C GLY B 137 46.87 19.28 1.34
N ARG B 138 46.06 20.10 0.64
CA ARG B 138 44.61 20.00 0.74
C ARG B 138 44.13 18.63 0.36
N ALA B 139 43.11 18.16 1.07
CA ALA B 139 42.75 16.75 1.06
C ALA B 139 41.78 16.40 -0.06
N GLY B 140 40.85 17.30 -0.39
CA GLY B 140 39.74 16.97 -1.28
C GLY B 140 38.48 16.58 -0.53
N ASP B 141 37.36 16.52 -1.25
CA ASP B 141 36.09 16.11 -0.66
C ASP B 141 35.12 15.76 -1.78
N TYR B 142 33.84 15.67 -1.44
CA TYR B 142 32.82 15.38 -2.43
C TYR B 142 32.06 16.64 -2.87
N SER B 143 32.73 17.78 -2.80
CA SER B 143 32.17 19.04 -3.27
C SER B 143 32.02 19.00 -4.79
N LEU B 144 30.97 19.64 -5.29
CA LEU B 144 30.80 19.74 -6.74
C LEU B 144 32.01 20.41 -7.39
N ASP B 145 32.61 21.40 -6.71
CA ASP B 145 33.74 22.12 -7.30
C ASP B 145 35.01 21.28 -7.35
N TYR B 146 35.30 20.51 -6.28
CA TYR B 146 36.48 19.66 -6.32
C TYR B 146 36.31 18.53 -7.31
N LEU B 147 35.19 17.82 -7.21
CA LEU B 147 34.90 16.74 -8.14
C LEU B 147 34.87 17.21 -9.60
N ALA B 148 34.48 18.46 -9.86
CA ALA B 148 34.45 18.93 -11.25
C ALA B 148 35.83 19.36 -11.73
N LYS B 149 36.62 19.99 -10.86
CA LYS B 149 38.02 20.25 -11.22
C LYS B 149 38.73 18.94 -11.53
N LYS B 150 38.42 17.88 -10.79
CA LYS B 150 39.19 16.65 -10.89
C LYS B 150 38.75 15.77 -12.06
N TYR B 151 37.45 15.66 -12.30
CA TYR B 151 36.95 14.65 -13.22
C TYR B 151 36.50 15.21 -14.56
N VAL B 152 36.16 16.49 -14.65
CA VAL B 152 35.79 17.06 -15.94
C VAL B 152 36.74 18.14 -16.41
N GLY B 153 37.59 18.68 -15.53
CA GLY B 153 38.53 19.72 -15.91
C GLY B 153 37.97 21.12 -15.78
N ALA B 154 37.10 21.36 -14.82
CA ALA B 154 36.43 22.63 -14.65
C ALA B 154 37.32 23.61 -13.89
N GLN B 155 37.71 24.70 -14.54
CA GLN B 155 38.60 25.69 -13.95
C GLN B 155 38.04 26.20 -12.61
N LYS B 156 38.89 26.91 -11.87
CA LYS B 156 38.49 27.49 -10.59
C LYS B 156 37.59 28.70 -10.84
N TYR B 157 36.27 28.49 -10.75
CA TYR B 157 35.35 29.61 -10.73
C TYR B 157 35.44 30.30 -9.37
N ALA B 158 35.00 31.56 -9.33
CA ALA B 158 35.09 32.38 -8.12
C ALA B 158 33.84 32.17 -7.24
N GLU B 159 33.83 32.81 -6.08
CA GLU B 159 32.75 32.65 -5.12
C GLU B 159 31.67 33.71 -5.34
N ILE B 160 30.41 33.32 -5.08
CA ILE B 160 29.28 34.25 -5.11
C ILE B 160 29.39 35.26 -3.97
N TYR B 161 29.86 34.81 -2.80
CA TYR B 161 29.78 35.59 -1.57
C TYR B 161 30.76 36.76 -1.50
N ASP B 162 31.72 36.87 -2.42
CA ASP B 162 32.63 38.00 -2.41
C ASP B 162 32.04 39.22 -3.11
N GLU B 163 31.23 39.01 -4.15
CA GLU B 163 30.47 40.10 -4.75
C GLU B 163 29.21 40.41 -3.94
N LEU B 164 28.54 39.37 -3.43
CA LEU B 164 27.45 39.58 -2.49
C LEU B 164 27.90 40.46 -1.33
N ALA B 165 29.11 40.23 -0.81
CA ALA B 165 29.66 41.10 0.23
C ALA B 165 30.01 42.49 -0.32
N ALA B 166 30.54 42.55 -1.56
CA ALA B 166 30.76 43.84 -2.20
C ALA B 166 29.47 44.63 -2.37
N LEU B 167 28.31 43.96 -2.38
CA LEU B 167 27.03 44.62 -2.61
C LEU B 167 26.28 44.95 -1.32
N PHE B 168 26.33 44.05 -0.33
CA PHE B 168 25.59 44.20 0.91
C PHE B 168 26.47 44.28 2.14
N GLY B 169 27.76 44.04 2.02
CA GLY B 169 28.66 44.18 3.14
C GLY B 169 28.64 42.99 4.08
N GLY B 170 29.67 42.95 4.92
CA GLY B 170 29.92 41.83 5.80
C GLY B 170 31.11 41.02 5.31
N LYS B 171 31.41 39.97 6.08
CA LYS B 171 32.48 39.06 5.72
C LYS B 171 32.11 38.32 4.44
N ALA B 172 33.13 37.95 3.66
CA ALA B 172 32.91 37.20 2.43
C ALA B 172 32.76 35.71 2.69
N THR B 173 32.32 35.34 3.91
CA THR B 173 32.12 33.96 4.31
C THR B 173 30.70 33.49 3.94
N ARG B 174 30.58 32.21 3.59
CA ARG B 174 29.32 31.68 3.09
C ARG B 174 28.24 31.64 4.15
N LYS B 175 28.60 31.64 5.43
CA LYS B 175 27.58 31.65 6.47
C LYS B 175 26.93 33.02 6.61
N THR B 176 27.59 34.07 6.16
CA THR B 176 27.12 35.45 6.35
C THR B 176 26.35 35.96 5.14
N GLN B 177 26.64 35.45 3.96
CA GLN B 177 26.06 35.99 2.75
C GLN B 177 25.15 35.03 2.02
N MET B 178 25.01 33.79 2.51
CA MET B 178 23.87 32.97 2.09
C MET B 178 22.53 33.65 2.37
N PRO B 179 22.34 34.43 3.47
CA PRO B 179 21.06 35.16 3.63
C PRO B 179 21.00 36.49 2.91
N ASN B 180 21.87 36.71 1.93
CA ASN B 180 21.81 37.87 1.04
C ASN B 180 21.60 37.45 -0.44
N LEU B 181 21.33 36.17 -0.70
CA LEU B 181 21.20 35.73 -2.08
C LEU B 181 19.80 36.02 -2.64
N TYR B 182 18.76 35.88 -1.81
CA TYR B 182 17.43 36.26 -2.27
C TYR B 182 17.34 37.76 -2.52
N ARG B 183 18.40 38.50 -2.21
CA ARG B 183 18.48 39.92 -2.51
C ARG B 183 19.21 40.22 -3.82
N ALA B 184 19.90 39.25 -4.41
CA ALA B 184 20.76 39.61 -5.51
C ALA B 184 19.94 39.84 -6.79
N PRO B 185 20.44 40.66 -7.71
CA PRO B 185 19.82 40.74 -9.04
C PRO B 185 19.81 39.37 -9.69
N SER B 186 18.70 39.07 -10.37
CA SER B 186 18.59 37.75 -10.98
C SER B 186 19.76 37.48 -11.93
N GLY B 187 20.21 38.51 -12.66
CA GLY B 187 21.29 38.30 -13.62
C GLY B 187 22.63 38.03 -12.97
N LEU B 188 22.82 38.49 -11.73
CA LEU B 188 24.03 38.13 -10.99
C LEU B 188 23.99 36.67 -10.58
N VAL B 189 22.91 36.25 -9.93
CA VAL B 189 22.71 34.84 -9.59
C VAL B 189 22.83 33.96 -10.82
N ARG B 190 22.30 34.43 -11.96
CA ARG B 190 22.43 33.67 -13.20
C ARG B 190 23.89 33.41 -13.54
N LYS B 191 24.80 34.30 -13.14
CA LYS B 191 26.21 34.10 -13.42
C LYS B 191 26.77 32.88 -12.67
N TYR B 192 26.18 32.52 -11.52
CA TYR B 192 26.68 31.39 -10.75
C TYR B 192 25.78 30.17 -10.80
N ALA B 193 24.46 30.34 -10.94
CA ALA B 193 23.59 29.18 -10.96
C ALA B 193 23.85 28.29 -12.18
N CYS B 194 24.03 28.88 -13.37
CA CYS B 194 24.18 28.07 -14.58
C CYS B 194 25.43 27.21 -14.59
N PRO B 195 26.64 27.72 -14.30
CA PRO B 195 27.80 26.81 -14.23
C PRO B 195 27.61 25.64 -13.26
N ASP B 196 26.88 25.84 -12.15
CA ASP B 196 26.55 24.71 -11.28
C ASP B 196 25.76 23.66 -12.03
N ALA B 197 24.66 24.07 -12.66
CA ALA B 197 23.92 23.20 -13.56
C ALA B 197 24.84 22.53 -14.59
N GLU B 198 25.70 23.31 -15.25
CA GLU B 198 26.55 22.73 -16.30
C GLU B 198 27.61 21.80 -15.71
N LEU B 199 28.25 22.20 -14.61
CA LEU B 199 29.28 21.34 -14.00
C LEU B 199 28.68 20.07 -13.43
N THR B 200 27.45 20.14 -12.92
CA THR B 200 26.76 18.94 -12.46
C THR B 200 26.53 17.96 -13.59
N LEU B 201 26.16 18.47 -14.77
CA LEU B 201 25.89 17.61 -15.92
C LEU B 201 27.16 16.94 -16.43
N GLU B 202 28.20 17.71 -16.65
CA GLU B 202 29.44 17.13 -17.16
C GLU B 202 30.03 16.14 -16.17
N LEU B 203 29.95 16.46 -14.88
CA LEU B 203 30.38 15.47 -13.88
C LEU B 203 29.63 14.17 -14.07
N TRP B 204 28.30 14.25 -14.17
CA TRP B 204 27.49 13.06 -14.34
C TRP B 204 27.85 12.31 -15.61
N LEU B 205 28.02 13.05 -16.71
CA LEU B 205 28.40 12.45 -17.98
C LEU B 205 29.72 11.72 -17.88
N GLU B 206 30.67 12.29 -17.15
CA GLU B 206 31.98 11.64 -17.02
C GLU B 206 31.91 10.45 -16.08
N GLN B 207 31.09 10.54 -15.02
CA GLN B 207 30.86 9.36 -14.19
C GLN B 207 30.29 8.21 -15.01
N GLU B 208 29.50 8.52 -16.04
CA GLU B 208 28.99 7.46 -16.91
C GLU B 208 30.14 6.72 -17.58
N GLU B 209 31.12 7.45 -18.11
CA GLU B 209 32.29 6.78 -18.67
C GLU B 209 33.00 5.95 -17.62
N LEU B 210 33.32 6.56 -16.48
CA LEU B 210 34.00 5.83 -15.41
C LEU B 210 33.21 4.60 -14.98
N ILE B 211 31.91 4.77 -14.69
CA ILE B 211 31.14 3.64 -14.16
C ILE B 211 31.23 2.47 -15.12
N LYS B 212 31.14 2.73 -16.42
CA LYS B 212 31.08 1.62 -17.37
C LYS B 212 32.47 1.08 -17.68
N LYS B 213 33.49 1.93 -17.74
CA LYS B 213 34.83 1.42 -17.96
C LYS B 213 35.33 0.65 -16.73
N ARG B 214 34.83 0.94 -15.54
CA ARG B 214 35.30 0.25 -14.33
C ARG B 214 34.33 -0.80 -13.83
N GLY B 215 33.28 -1.12 -14.59
CA GLY B 215 32.36 -2.17 -14.23
C GLY B 215 31.64 -1.97 -12.90
N LEU B 216 31.21 -0.74 -12.61
CA LEU B 216 30.58 -0.42 -11.34
C LEU B 216 29.06 -0.32 -11.44
N GLU B 217 28.47 -0.83 -12.52
CA GLU B 217 27.03 -0.66 -12.75
C GLU B 217 26.19 -1.17 -11.57
N ARG B 218 26.66 -2.22 -10.90
CA ARG B 218 25.82 -2.91 -9.93
C ARG B 218 25.72 -2.14 -8.61
N ILE B 219 26.82 -1.56 -8.14
CA ILE B 219 26.71 -0.78 -6.92
C ILE B 219 25.96 0.54 -7.16
N VAL B 220 26.24 1.21 -8.29
CA VAL B 220 25.55 2.45 -8.63
C VAL B 220 24.04 2.23 -8.67
N ALA B 221 23.60 1.16 -9.34
CA ALA B 221 22.16 0.89 -9.39
C ALA B 221 21.60 0.58 -8.02
N PHE B 222 22.37 -0.09 -7.16
CA PHE B 222 21.87 -0.40 -5.83
C PHE B 222 21.61 0.88 -5.04
N GLU B 223 22.61 1.76 -4.96
CA GLU B 223 22.44 3.01 -4.24
C GLU B 223 21.36 3.86 -4.88
N ARG B 224 21.18 3.74 -6.19
CA ARG B 224 20.12 4.46 -6.86
C ARG B 224 18.75 3.92 -6.44
N LYS B 225 18.65 2.60 -6.31
CA LYS B 225 17.43 1.98 -5.78
C LYS B 225 17.14 2.46 -4.37
N VAL B 226 18.20 2.62 -3.56
CA VAL B 226 18.04 2.92 -2.14
C VAL B 226 17.60 4.37 -1.94
N MET B 227 18.15 5.29 -2.74
CA MET B 227 18.04 6.73 -2.55
C MET B 227 16.60 7.22 -2.26
N PRO B 228 15.59 6.93 -3.08
CA PRO B 228 14.26 7.49 -2.82
C PRO B 228 13.62 6.97 -1.54
N THR B 229 14.09 5.86 -1.00
CA THR B 229 13.57 5.43 0.29
C THR B 229 14.12 6.30 1.40
N LEU B 230 15.41 6.66 1.32
CA LEU B 230 16.00 7.56 2.30
C LEU B 230 15.39 8.95 2.21
N ILE B 231 15.27 9.49 0.99
CA ILE B 231 14.79 10.85 0.83
C ILE B 231 13.35 10.99 1.31
N ARG B 232 12.54 9.96 1.10
CA ARG B 232 11.21 9.92 1.72
C ARG B 232 11.31 10.05 3.24
N THR B 233 12.13 9.18 3.86
CA THR B 233 12.27 9.23 5.31
C THR B 233 12.90 10.54 5.79
N GLU B 234 13.90 11.03 5.06
CA GLU B 234 14.45 12.35 5.34
C GLU B 234 13.37 13.42 5.30
N ALA B 235 12.48 13.35 4.32
CA ALA B 235 11.47 14.39 4.17
C ALA B 235 10.39 14.28 5.22
N ARG B 236 10.13 13.09 5.72
CA ARG B 236 9.05 12.90 6.69
C ARG B 236 9.43 13.48 8.05
N GLY B 237 10.69 13.31 8.46
CA GLY B 237 11.07 13.68 9.78
C GLY B 237 10.53 12.75 10.86
N VAL B 238 10.73 13.19 12.10
CA VAL B 238 10.41 12.40 13.28
C VAL B 238 9.62 13.29 14.22
N ARG B 239 8.39 12.89 14.55
CA ARG B 239 7.56 13.64 15.48
C ARG B 239 8.17 13.62 16.88
N VAL B 240 8.28 14.79 17.50
CA VAL B 240 8.89 14.92 18.81
C VAL B 240 7.87 15.54 19.77
N ASP B 241 8.15 15.41 21.06
CA ASP B 241 7.29 15.95 22.11
C ASP B 241 8.04 17.10 22.76
N LEU B 242 7.84 18.31 22.26
CA LEU B 242 8.66 19.43 22.70
C LEU B 242 8.50 19.72 24.18
N ASP B 243 7.31 19.50 24.74
CA ASP B 243 7.14 19.67 26.18
C ASP B 243 8.02 18.67 26.96
N TYR B 244 7.98 17.39 26.62
CA TYR B 244 8.85 16.46 27.32
C TYR B 244 10.33 16.79 27.08
N ALA B 245 10.69 17.15 25.85
CA ALA B 245 12.08 17.42 25.55
C ALA B 245 12.64 18.54 26.42
N GLU B 246 11.82 19.52 26.80
CA GLU B 246 12.33 20.56 27.71
C GLU B 246 12.60 20.00 29.11
N GLN B 247 11.69 19.15 29.61
CA GLN B 247 11.91 18.47 30.87
C GLN B 247 13.18 17.63 30.84
N ALA B 248 13.38 16.88 29.76
CA ALA B 248 14.60 16.09 29.60
C ALA B 248 15.87 16.94 29.71
N ILE B 249 15.81 18.21 29.32
CA ILE B 249 16.93 19.10 29.56
C ILE B 249 17.12 19.34 31.06
N PHE B 250 16.03 19.54 31.80
CA PHE B 250 16.13 19.63 33.25
C PHE B 250 16.74 18.35 33.83
N LYS B 251 16.23 17.19 33.41
CA LYS B 251 16.72 15.93 33.94
C LYS B 251 18.20 15.76 33.65
N MET B 252 18.58 15.85 32.38
CA MET B 252 19.99 15.77 32.00
C MET B 252 20.84 16.80 32.73
N ASP B 253 20.27 17.95 33.11
CA ASP B 253 21.01 18.91 33.93
C ASP B 253 21.43 18.27 35.26
N GLY B 254 20.55 17.44 35.84
CA GLY B 254 20.85 16.81 37.11
C GLY B 254 21.82 15.65 36.96
N VAL B 255 21.71 14.92 35.86
CA VAL B 255 22.67 13.86 35.54
C VAL B 255 24.07 14.45 35.41
N VAL B 256 24.20 15.63 34.81
CA VAL B 256 25.52 16.20 34.59
C VAL B 256 26.09 16.69 35.91
N ARG B 257 25.25 17.26 36.76
CA ARG B 257 25.70 17.60 38.12
C ARG B 257 26.24 16.36 38.82
N GLU B 258 25.48 15.27 38.82
CA GLU B 258 25.95 14.00 39.35
C GLU B 258 27.32 13.60 38.80
N ASN B 259 27.54 13.73 37.50
CA ASN B 259 28.82 13.32 36.92
C ASN B 259 29.95 14.25 37.32
N GLN B 260 29.67 15.55 37.45
CA GLN B 260 30.71 16.45 37.90
C GLN B 260 31.21 16.06 39.29
N ALA B 261 30.27 15.71 40.18
CA ALA B 261 30.61 15.39 41.57
C ALA B 261 31.37 14.07 41.64
N LYS B 262 30.93 13.05 40.90
CA LYS B 262 31.68 11.81 40.78
C LYS B 262 33.11 12.10 40.33
N MET B 263 33.27 13.03 39.42
CA MET B 263 34.60 13.33 38.90
C MET B 263 35.42 14.13 39.90
N PHE B 264 34.79 15.10 40.57
CA PHE B 264 35.48 15.90 41.56
C PHE B 264 35.93 15.04 42.72
N ALA B 265 35.08 14.09 43.14
CA ALA B 265 35.46 13.14 44.17
C ALA B 265 36.68 12.33 43.74
N LEU B 266 36.68 11.82 42.51
CA LEU B 266 37.76 10.93 42.13
C LEU B 266 39.09 11.67 42.02
N ALA B 267 39.04 12.98 41.80
CA ALA B 267 40.22 13.83 41.71
C ALA B 267 40.58 14.47 43.04
N GLY B 268 39.74 14.28 44.07
CA GLY B 268 39.94 14.90 45.36
C GLY B 268 39.71 16.39 45.40
N ARG B 269 39.19 16.96 44.31
CA ARG B 269 39.16 18.41 44.16
C ARG B 269 38.37 18.73 42.91
N GLU B 270 37.80 19.93 42.89
CA GLU B 270 37.26 20.47 41.65
C GLU B 270 38.39 20.89 40.73
N PHE B 271 38.11 20.90 39.43
CA PHE B 271 39.10 21.21 38.41
C PHE B 271 38.38 21.35 37.09
N ASN B 272 39.07 21.94 36.12
CA ASN B 272 38.48 22.21 34.82
C ASN B 272 38.90 21.13 33.83
N PRO B 273 37.99 20.25 33.38
CA PRO B 273 38.40 19.13 32.51
C PRO B 273 38.95 19.56 31.15
N ASN B 274 38.76 20.82 30.76
CA ASN B 274 39.28 21.33 29.50
C ASN B 274 40.65 21.97 29.65
N SER B 275 41.17 22.06 30.88
CA SER B 275 42.49 22.63 31.14
C SER B 275 43.53 21.51 31.16
N PRO B 276 44.53 21.53 30.28
CA PRO B 276 45.50 20.42 30.29
C PRO B 276 46.41 20.45 31.50
N LYS B 277 46.68 21.63 32.07
CA LYS B 277 47.51 21.71 33.26
C LYS B 277 46.79 21.09 34.46
N GLN B 278 45.51 21.46 34.67
CA GLN B 278 44.74 20.88 35.75
C GLN B 278 44.59 19.38 35.55
N VAL B 279 44.53 18.92 34.30
CA VAL B 279 44.32 17.51 34.04
C VAL B 279 45.56 16.71 34.40
N ARG B 280 46.74 17.19 33.98
CA ARG B 280 48.00 16.55 34.38
C ARG B 280 48.12 16.44 35.90
N GLU B 281 47.68 17.47 36.63
CA GLU B 281 47.78 17.42 38.08
C GLU B 281 46.88 16.34 38.65
N VAL B 282 45.65 16.29 38.18
CA VAL B 282 44.60 15.49 38.80
C VAL B 282 44.78 14.01 38.48
N PHE B 283 45.36 13.68 37.33
CA PHE B 283 45.66 12.29 37.03
C PHE B 283 47.01 11.86 37.59
N GLY B 284 47.74 12.77 38.23
CA GLY B 284 49.06 12.47 38.77
C GLY B 284 50.07 12.03 37.74
N ALA B 285 50.25 12.82 36.69
CA ALA B 285 51.26 12.51 35.69
C ALA B 285 52.64 12.79 36.27
N LYS B 286 53.38 11.73 36.61
CA LYS B 286 54.74 11.82 37.10
C LYS B 286 55.67 11.22 36.05
N GLU B 287 56.82 11.86 35.87
CA GLU B 287 57.89 11.36 35.03
C GLU B 287 58.96 10.72 35.90
N GLU B 288 59.27 9.47 35.59
CA GLU B 288 60.35 8.75 36.23
C GLU B 288 61.08 7.99 35.13
N GLY B 289 62.40 8.11 35.12
CA GLY B 289 63.22 7.45 34.10
C GLY B 289 62.90 7.79 32.64
N GLY B 290 62.61 9.05 32.34
CA GLY B 290 62.26 9.47 30.99
C GLY B 290 60.88 9.04 30.51
N VAL B 291 60.12 8.34 31.34
CA VAL B 291 58.80 7.84 31.01
C VAL B 291 57.75 8.66 31.75
N TRP B 292 56.63 8.92 31.10
CA TRP B 292 55.48 9.58 31.72
C TRP B 292 54.43 8.54 32.10
N LYS B 293 53.96 8.60 33.34
CA LYS B 293 52.98 7.64 33.84
C LYS B 293 51.89 8.41 34.58
N SER B 294 50.64 7.97 34.42
CA SER B 294 49.56 8.52 35.21
C SER B 294 49.41 7.72 36.50
N ARG B 295 48.51 8.15 37.38
CA ARG B 295 48.46 7.56 38.71
C ARG B 295 48.11 6.07 38.70
N ASP B 296 47.43 5.54 37.68
CA ASP B 296 47.19 4.10 37.63
C ASP B 296 48.32 3.35 36.93
N GLY B 297 49.40 4.04 36.59
CA GLY B 297 50.55 3.44 35.96
C GLY B 297 50.49 3.41 34.45
N THR B 298 49.42 3.90 33.85
CA THR B 298 49.34 3.90 32.40
C THR B 298 50.45 4.75 31.82
N ILE B 299 51.18 4.18 30.87
CA ILE B 299 52.25 4.89 30.19
C ILE B 299 51.62 5.89 29.23
N LEU B 300 51.85 7.17 29.46
CA LEU B 300 51.36 8.21 28.56
C LEU B 300 52.45 8.53 27.55
N GLU B 301 52.03 8.83 26.33
CA GLU B 301 52.99 9.12 25.29
C GLU B 301 53.46 10.58 25.37
N ARG B 302 54.71 10.81 24.95
CA ARG B 302 55.36 12.09 25.11
C ARG B 302 54.97 13.05 23.99
N THR B 303 54.43 14.21 24.34
CA THR B 303 54.07 15.22 23.36
C THR B 303 55.32 15.92 22.81
N ALA B 304 55.09 16.83 21.86
CA ALA B 304 56.19 17.57 21.25
C ALA B 304 56.90 18.45 22.27
N THR B 305 56.14 19.05 23.19
CA THR B 305 56.73 19.86 24.27
C THR B 305 57.36 19.02 25.37
N GLY B 306 57.28 17.69 25.27
CA GLY B 306 57.76 16.81 26.32
C GLY B 306 56.75 16.52 27.42
N ASN B 307 55.53 17.04 27.30
CA ASN B 307 54.45 16.82 28.25
C ASN B 307 53.83 15.44 28.06
N PRO B 308 53.10 14.94 29.05
CA PRO B 308 52.34 13.70 28.83
C PRO B 308 51.05 13.99 28.07
N CYS B 309 50.80 13.21 27.03
CA CYS B 309 49.59 13.36 26.25
C CYS B 309 48.41 12.68 26.95
N LEU B 310 47.37 13.47 27.25
CA LEU B 310 46.18 12.96 27.94
C LEU B 310 44.93 13.27 27.11
N ASP B 311 44.94 12.87 25.85
CA ASP B 311 43.78 13.04 24.97
C ASP B 311 42.70 12.02 25.34
N ALA B 312 41.66 11.92 24.51
CA ALA B 312 40.58 10.98 24.79
C ALA B 312 41.07 9.53 24.73
N ASP B 313 41.95 9.23 23.77
CA ASP B 313 42.39 7.85 23.62
C ASP B 313 43.19 7.39 24.82
N ALA B 314 44.03 8.29 25.35
CA ALA B 314 44.76 7.98 26.57
C ALA B 314 43.80 7.63 27.71
N LEU B 315 42.74 8.43 27.89
CA LEU B 315 41.79 8.15 28.96
C LEU B 315 41.09 6.82 28.77
N ARG B 316 40.78 6.46 27.52
CA ARG B 316 40.12 5.18 27.27
C ARG B 316 40.99 4.02 27.70
N SER B 317 42.29 4.08 27.40
CA SER B 317 43.21 3.00 27.71
C SER B 317 43.56 2.93 29.20
N MET B 318 43.11 3.87 30.02
CA MET B 318 43.35 3.84 31.45
C MET B 318 42.39 2.88 32.14
N THR B 319 42.78 2.41 33.32
CA THR B 319 41.84 1.76 34.21
C THR B 319 41.41 2.69 35.35
N ASP B 320 41.99 3.88 35.43
CA ASP B 320 41.58 4.84 36.42
C ASP B 320 40.11 5.21 36.23
N PRO B 321 39.26 5.04 37.24
CA PRO B 321 37.86 5.43 37.07
C PRO B 321 37.70 6.92 36.76
N LEU B 322 38.65 7.75 37.19
CA LEU B 322 38.62 9.17 36.87
C LEU B 322 38.59 9.42 35.36
N ALA B 323 39.27 8.58 34.56
CA ALA B 323 39.18 8.70 33.11
C ALA B 323 37.75 8.45 32.62
N ALA B 324 37.16 7.30 33.02
CA ALA B 324 35.77 7.04 32.68
C ALA B 324 34.85 8.17 33.12
N ALA B 325 35.16 8.84 34.23
CA ALA B 325 34.30 9.90 34.71
C ALA B 325 34.44 11.14 33.85
N VAL B 326 35.64 11.43 33.38
CA VAL B 326 35.84 12.57 32.51
C VAL B 326 35.16 12.34 31.18
N LEU B 327 35.29 11.11 30.64
CA LEU B 327 34.68 10.77 29.35
C LEU B 327 33.16 10.80 29.44
N GLU B 328 32.59 10.36 30.56
CA GLU B 328 31.14 10.30 30.69
C GLU B 328 30.54 11.70 30.90
N LEU B 329 31.20 12.57 31.66
CA LEU B 329 30.76 13.96 31.73
C LEU B 329 30.72 14.60 30.34
N ARG B 330 31.77 14.38 29.55
CA ARG B 330 31.83 15.01 28.22
C ARG B 330 30.71 14.51 27.33
N SER B 331 30.53 13.19 27.30
CA SER B 331 29.46 12.61 26.51
C SER B 331 28.08 13.14 26.94
N ASN B 332 27.91 13.45 28.22
CA ASN B 332 26.57 13.80 28.68
C ASN B 332 26.26 15.27 28.46
N ILE B 333 27.20 16.16 28.80
CA ILE B 333 27.11 17.56 28.38
C ILE B 333 26.76 17.65 26.90
N LYS B 334 27.48 16.90 26.05
CA LYS B 334 27.23 16.98 24.62
C LYS B 334 25.83 16.50 24.27
N THR B 335 25.46 15.31 24.73
CA THR B 335 24.08 14.87 24.58
C THR B 335 23.09 15.91 25.08
N LYS B 336 23.41 16.61 26.17
CA LYS B 336 22.45 17.57 26.72
C LYS B 336 22.39 18.85 25.88
N ASP B 337 23.55 19.43 25.55
CA ASP B 337 23.58 20.74 24.91
C ASP B 337 23.52 20.70 23.39
N THR B 338 24.12 19.70 22.75
CA THR B 338 24.07 19.65 21.30
C THR B 338 22.90 18.80 20.80
N PHE B 339 22.90 17.50 21.12
CA PHE B 339 21.86 16.60 20.62
C PHE B 339 20.48 17.05 21.06
N LEU B 340 20.29 17.23 22.37
CA LEU B 340 18.96 17.49 22.93
C LEU B 340 18.52 18.94 22.72
N ALA B 341 19.26 19.90 23.27
CA ALA B 341 18.78 21.29 23.28
C ALA B 341 18.79 21.90 21.89
N LYS B 342 19.96 21.91 21.23
CA LYS B 342 20.10 22.53 19.92
C LYS B 342 19.34 21.75 18.83
N HIS B 343 19.48 20.42 18.79
CA HIS B 343 19.01 19.72 17.59
C HIS B 343 17.59 19.18 17.69
N VAL B 344 17.07 18.95 18.89
CA VAL B 344 15.70 18.49 19.02
C VAL B 344 14.76 19.64 19.38
N VAL B 345 15.22 20.62 20.16
CA VAL B 345 14.37 21.72 20.61
C VAL B 345 14.51 22.91 19.65
N GLU B 346 15.67 23.57 19.65
CA GLU B 346 15.84 24.78 18.85
C GLU B 346 15.49 24.54 17.39
N HIS B 347 15.99 23.45 16.81
CA HIS B 347 15.91 23.23 15.37
C HIS B 347 14.75 22.33 14.96
N SER B 348 13.86 22.00 15.90
CA SER B 348 12.60 21.37 15.55
C SER B 348 11.70 22.36 14.86
N VAL B 349 10.91 21.86 13.90
CA VAL B 349 10.04 22.67 13.06
C VAL B 349 8.66 22.02 13.08
N GLY B 350 7.68 22.70 13.67
CA GLY B 350 6.31 22.19 13.69
C GLY B 350 6.10 20.92 14.49
N GLY B 351 6.91 20.67 15.50
CA GLY B 351 6.76 19.45 16.27
C GLY B 351 7.51 18.25 15.73
N ARG B 352 8.45 18.45 14.80
CA ARG B 352 9.20 17.37 14.20
C ARG B 352 10.65 17.80 14.06
N VAL B 353 11.56 16.83 14.10
CA VAL B 353 12.95 17.08 13.77
C VAL B 353 13.25 16.41 12.44
N TYR B 354 14.00 17.11 11.60
CA TYR B 354 14.30 16.64 10.24
C TYR B 354 15.81 16.47 10.13
N PRO B 355 16.36 15.42 10.74
CA PRO B 355 17.78 15.12 10.55
C PRO B 355 18.09 14.74 9.12
N ASN B 356 19.32 15.04 8.72
CA ASN B 356 19.82 14.60 7.43
C ASN B 356 20.31 13.16 7.52
N ILE B 357 19.96 12.38 6.49
CA ILE B 357 20.50 11.05 6.32
C ILE B 357 21.57 11.15 5.25
N ASN B 358 22.84 11.00 5.63
CA ASN B 358 23.91 10.83 4.65
C ASN B 358 23.95 9.36 4.20
N GLN B 359 23.55 9.13 2.95
CA GLN B 359 23.47 7.77 2.41
C GLN B 359 24.83 7.07 2.40
N MET B 360 25.93 7.82 2.26
CA MET B 360 27.24 7.21 2.07
C MET B 360 28.29 7.54 3.12
N LYS B 361 27.96 8.31 4.16
CA LYS B 361 28.94 8.72 5.18
C LYS B 361 28.51 8.15 6.53
N GLY B 362 29.39 7.37 7.16
CA GLY B 362 29.05 6.69 8.40
C GLY B 362 29.19 7.58 9.61
N GLU B 363 28.80 7.02 10.78
CA GLU B 363 28.81 7.78 12.03
C GLU B 363 30.20 8.32 12.34
N ASP B 364 31.24 7.57 11.98
CA ASP B 364 32.64 7.96 12.09
C ASP B 364 33.00 9.19 11.24
N GLY B 365 32.15 9.58 10.28
CA GLY B 365 32.50 10.60 9.32
C GLY B 365 33.16 10.09 8.05
N GLY B 366 33.43 8.78 7.95
CA GLY B 366 34.12 8.22 6.81
C GLY B 366 33.20 7.59 5.78
N THR B 367 33.70 7.49 4.55
CA THR B 367 32.90 7.00 3.44
C THR B 367 33.44 5.69 2.87
N GLY B 368 34.21 4.93 3.64
CA GLY B 368 34.84 3.73 3.12
C GLY B 368 34.03 2.47 3.27
N THR B 369 32.88 2.56 3.93
CA THR B 369 32.14 1.41 4.41
C THR B 369 30.78 1.24 3.76
N GLY B 370 30.18 2.31 3.24
CA GLY B 370 28.84 2.27 2.71
C GLY B 370 27.76 2.53 3.73
N ARG B 371 28.09 2.50 5.02
CA ARG B 371 27.14 2.69 6.10
C ARG B 371 26.55 4.10 6.09
N LEU B 372 25.24 4.20 6.27
CA LEU B 372 24.60 5.52 6.35
C LEU B 372 24.64 6.05 7.79
N SER B 373 24.24 7.32 7.96
CA SER B 373 24.33 7.95 9.27
C SER B 373 23.42 9.16 9.30
N TYR B 374 23.02 9.55 10.50
CA TYR B 374 22.18 10.70 10.71
C TYR B 374 23.02 11.91 11.09
N THR B 375 22.41 13.09 10.93
CA THR B 375 23.03 14.37 11.27
C THR B 375 21.93 15.35 11.69
N GLY B 376 22.09 15.95 12.86
CA GLY B 376 21.23 17.04 13.30
C GLY B 376 19.76 16.71 13.54
N PRO B 377 19.47 15.85 14.53
CA PRO B 377 20.37 15.24 15.50
C PRO B 377 21.08 14.02 14.94
N ALA B 378 22.25 13.70 15.49
CA ALA B 378 22.91 12.44 15.17
C ALA B 378 22.29 11.36 16.05
N LEU B 379 21.25 10.70 15.52
CA LEU B 379 20.42 9.80 16.32
C LEU B 379 21.22 8.64 16.88
N GLN B 380 22.19 8.15 16.12
CA GLN B 380 23.01 7.04 16.58
C GLN B 380 23.78 7.37 17.85
N GLN B 381 23.92 8.64 18.20
CA GLN B 381 24.67 9.04 19.39
C GLN B 381 23.81 9.15 20.65
N ILE B 382 22.62 8.52 20.67
CA ILE B 382 21.91 8.28 21.92
C ILE B 382 22.63 7.18 22.70
N PRO B 383 22.68 7.23 24.03
CA PRO B 383 23.19 6.06 24.75
C PRO B 383 22.15 4.96 24.81
N SER B 384 22.58 3.74 24.52
CA SER B 384 21.78 2.56 24.79
C SER B 384 22.47 1.60 25.73
N ARG B 385 23.77 1.78 25.99
CA ARG B 385 24.39 1.12 27.13
C ARG B 385 23.83 1.66 28.44
N ASN B 386 23.62 2.97 28.52
CA ASN B 386 23.21 3.63 29.75
C ASN B 386 21.69 3.70 29.78
N LYS B 387 21.06 2.66 30.30
CA LYS B 387 19.59 2.63 30.31
C LYS B 387 19.00 3.82 31.06
N ARG B 388 19.78 4.48 31.93
CA ARG B 388 19.26 5.66 32.61
C ARG B 388 19.15 6.86 31.67
N ILE B 389 20.22 7.16 30.91
CA ILE B 389 20.16 8.27 29.96
C ILE B 389 19.13 7.99 28.88
N ALA B 390 19.07 6.73 28.41
CA ALA B 390 18.08 6.37 27.41
C ALA B 390 16.67 6.71 27.88
N ALA B 391 16.36 6.35 29.13
CA ALA B 391 15.02 6.59 29.63
C ALA B 391 14.71 8.06 29.79
N ILE B 392 15.73 8.91 29.84
CA ILE B 392 15.46 10.33 29.91
C ILE B 392 15.15 10.89 28.52
N ILE B 393 15.91 10.46 27.50
CA ILE B 393 15.83 11.07 26.18
C ILE B 393 14.71 10.46 25.35
N LYS B 394 14.57 9.15 25.33
CA LYS B 394 13.71 8.59 24.30
C LYS B 394 12.20 8.83 24.44
N PRO B 395 11.63 9.23 25.58
CA PRO B 395 10.20 9.59 25.55
C PRO B 395 9.92 10.83 24.73
N ALA B 396 10.96 11.55 24.32
CA ALA B 396 10.80 12.75 23.53
C ALA B 396 10.39 12.44 22.10
N PHE B 397 10.65 11.21 21.63
CA PHE B 397 10.38 10.81 20.26
C PHE B 397 9.06 10.04 20.14
N LEU B 398 8.28 10.38 19.12
CA LEU B 398 6.89 9.97 18.99
C LEU B 398 6.59 9.28 17.68
N PRO B 399 5.63 8.36 17.70
CA PRO B 399 5.08 7.83 16.45
C PRO B 399 4.20 8.86 15.76
N GLU B 400 3.59 8.46 14.64
CA GLU B 400 2.64 9.35 14.00
C GLU B 400 1.30 9.29 14.74
N GLU B 401 0.53 10.37 14.59
CA GLU B 401 -0.70 10.49 15.35
C GLU B 401 -1.61 9.32 15.04
N GLY B 402 -2.21 8.76 16.10
CA GLY B 402 -3.00 7.56 15.96
C GLY B 402 -2.24 6.25 15.87
N GLN B 403 -0.93 6.27 15.60
CA GLN B 403 -0.16 5.04 15.44
C GLN B 403 0.64 4.76 16.70
N LEU B 404 1.45 3.69 16.66
CA LEU B 404 2.22 3.19 17.80
C LEU B 404 3.67 3.00 17.41
N TRP B 405 4.55 3.23 18.38
CA TRP B 405 5.96 3.02 18.14
C TRP B 405 6.28 1.54 18.30
N LEU B 406 6.70 0.91 17.21
CA LEU B 406 7.17 -0.47 17.25
C LEU B 406 8.69 -0.44 17.17
N ASP B 407 9.36 -1.25 18.00
CA ASP B 407 10.80 -1.36 17.96
C ASP B 407 11.24 -2.81 17.76
N SER B 408 12.31 -3.00 16.99
CA SER B 408 12.85 -4.30 16.66
C SER B 408 14.36 -4.17 16.45
N ASP B 409 15.04 -5.31 16.34
CA ASP B 409 16.50 -5.30 16.19
C ASP B 409 16.96 -6.60 15.55
N MET B 410 18.03 -6.50 14.74
CA MET B 410 18.74 -7.67 14.24
C MET B 410 19.66 -8.19 15.33
N ALA B 411 19.36 -9.38 15.86
CA ALA B 411 20.24 -10.06 16.80
C ALA B 411 21.64 -10.14 16.22
N SER B 412 22.64 -9.98 17.10
CA SER B 412 24.05 -10.23 16.80
C SER B 412 24.36 -10.05 15.32
N PHE B 413 24.17 -8.83 14.82
CA PHE B 413 24.08 -8.63 13.39
C PHE B 413 25.45 -8.65 12.70
N GLU B 414 26.39 -7.84 13.17
CA GLU B 414 27.68 -7.83 12.49
C GLU B 414 28.44 -9.15 12.71
N VAL B 415 28.14 -9.84 13.81
CA VAL B 415 28.74 -11.16 14.06
C VAL B 415 28.18 -12.20 13.10
N ARG B 416 26.87 -12.11 12.82
CA ARG B 416 26.26 -12.96 11.80
C ARG B 416 26.90 -12.72 10.44
N ILE B 417 27.07 -11.45 10.05
CA ILE B 417 27.71 -11.17 8.78
C ILE B 417 29.09 -11.80 8.73
N PHE B 418 29.82 -11.76 9.85
CA PHE B 418 31.16 -12.34 9.90
C PHE B 418 31.08 -13.86 9.75
N ALA B 419 30.13 -14.49 10.43
CA ALA B 419 29.92 -15.93 10.28
C ALA B 419 29.56 -16.30 8.83
N HIS B 420 28.74 -15.49 8.18
CA HIS B 420 28.44 -15.66 6.77
C HIS B 420 29.72 -15.69 5.94
N LEU B 421 30.60 -14.70 6.13
CA LEU B 421 31.83 -14.65 5.35
C LEU B 421 32.72 -15.84 5.62
N VAL B 422 32.73 -16.34 6.86
CA VAL B 422 33.57 -17.48 7.15
C VAL B 422 32.93 -18.76 6.65
N ALA B 423 31.59 -18.87 6.68
CA ALA B 423 30.96 -20.10 6.21
C ALA B 423 31.24 -20.39 4.73
N ALA B 424 31.85 -19.45 4.01
CA ALA B 424 32.37 -19.77 2.67
C ALA B 424 33.43 -20.85 2.77
N TYR B 425 34.16 -20.86 3.88
CA TYR B 425 35.28 -21.76 4.09
C TYR B 425 35.00 -22.84 5.12
N ASN B 426 33.88 -22.75 5.83
CA ASN B 426 33.68 -23.56 7.03
C ASN B 426 32.25 -24.04 7.07
N PRO B 427 31.96 -25.19 6.45
CA PRO B 427 30.57 -25.68 6.42
C PRO B 427 30.00 -25.91 7.81
N ALA B 428 30.86 -26.11 8.81
CA ALA B 428 30.37 -26.34 10.17
C ALA B 428 29.52 -25.15 10.66
N ILE B 429 29.86 -23.92 10.25
CA ILE B 429 29.19 -22.74 10.79
C ILE B 429 27.80 -22.60 10.20
N ALA B 430 27.66 -22.82 8.89
CA ALA B 430 26.33 -22.73 8.29
C ALA B 430 25.39 -23.74 8.93
N LYS B 431 25.90 -24.93 9.23
CA LYS B 431 25.07 -26.00 9.78
C LYS B 431 24.68 -25.75 11.25
N ALA B 432 25.59 -25.21 12.05
CA ALA B 432 25.23 -24.87 13.43
C ALA B 432 24.16 -23.79 13.46
N TYR B 433 24.18 -22.89 12.47
CA TYR B 433 23.17 -21.84 12.34
C TYR B 433 21.88 -22.38 11.73
N ALA B 434 21.99 -23.41 10.88
CA ALA B 434 20.81 -24.05 10.32
C ALA B 434 20.06 -24.85 11.39
N GLU B 435 20.79 -25.53 12.27
CA GLU B 435 20.12 -26.22 13.38
C GLU B 435 19.58 -25.24 14.39
N ASN B 436 20.28 -24.13 14.62
CA ASN B 436 19.85 -23.13 15.61
C ASN B 436 20.01 -21.74 15.03
N PRO B 437 18.96 -21.20 14.39
CA PRO B 437 19.07 -19.86 13.82
C PRO B 437 19.32 -18.81 14.87
N GLU B 438 18.96 -19.06 16.11
CA GLU B 438 19.16 -18.12 17.21
C GLU B 438 20.46 -18.43 17.96
N LEU B 439 21.48 -18.83 17.20
CA LEU B 439 22.78 -19.22 17.74
C LEU B 439 23.63 -18.02 18.16
N ASP B 440 24.30 -18.17 19.30
CA ASP B 440 25.30 -17.21 19.73
C ASP B 440 26.64 -17.70 19.19
N LEU B 441 27.33 -16.84 18.45
CA LEU B 441 28.60 -17.28 17.90
C LEU B 441 29.69 -17.36 18.98
N HIS B 442 29.64 -16.47 19.98
CA HIS B 442 30.64 -16.53 21.04
C HIS B 442 30.44 -17.76 21.91
N GLN B 443 29.20 -18.02 22.32
CA GLN B 443 28.92 -19.25 23.05
C GLN B 443 29.38 -20.47 22.26
N TRP B 444 29.14 -20.48 20.95
CA TRP B 444 29.47 -21.64 20.13
C TRP B 444 30.98 -21.87 20.08
N VAL B 445 31.76 -20.80 19.95
CA VAL B 445 33.21 -20.91 19.93
C VAL B 445 33.76 -21.22 21.31
N GLY B 446 33.25 -20.54 22.34
CA GLY B 446 33.64 -20.88 23.70
C GLY B 446 33.46 -22.35 24.01
N ASP B 447 32.28 -22.90 23.68
CA ASP B 447 32.00 -24.30 23.98
C ASP B 447 32.98 -25.20 23.24
N LEU B 448 33.15 -24.97 21.95
CA LEU B 448 33.98 -25.84 21.14
C LEU B 448 35.46 -25.71 21.53
N MET B 449 35.84 -24.57 22.11
CA MET B 449 37.21 -24.30 22.53
C MET B 449 37.46 -24.55 24.02
N GLY B 450 36.43 -24.96 24.77
CA GLY B 450 36.54 -25.08 26.22
C GLY B 450 36.98 -23.82 26.95
N ILE B 451 36.41 -22.67 26.61
CA ILE B 451 36.67 -21.43 27.33
C ILE B 451 35.36 -20.66 27.47
N PRO B 452 35.28 -19.74 28.44
CA PRO B 452 34.00 -19.04 28.66
C PRO B 452 33.59 -18.15 27.50
N ARG B 453 32.29 -17.81 27.48
CA ARG B 453 31.75 -16.95 26.42
C ARG B 453 32.37 -15.56 26.48
N ASN B 454 32.37 -14.95 27.67
CA ASN B 454 33.01 -13.65 27.86
C ASN B 454 33.49 -13.49 29.30
N ALA B 455 32.93 -14.28 30.21
CA ALA B 455 33.23 -14.15 31.64
C ALA B 455 34.58 -14.80 31.91
N SER B 456 35.63 -13.98 31.84
CA SER B 456 37.01 -14.44 31.96
C SER B 456 37.70 -13.76 33.13
N TYR B 457 38.90 -14.22 33.47
CA TYR B 457 39.75 -13.49 34.40
C TYR B 457 40.74 -12.63 33.63
N SER B 458 41.35 -11.69 34.34
CA SER B 458 42.26 -10.70 33.76
C SER B 458 43.45 -11.32 33.02
N GLY B 459 43.56 -12.66 32.98
CA GLY B 459 44.70 -13.34 32.38
C GLY B 459 44.36 -14.68 31.74
N GLN B 460 43.07 -14.92 31.57
CA GLN B 460 42.55 -16.08 30.84
C GLN B 460 41.77 -15.62 29.61
N PRO B 461 41.62 -16.49 28.61
CA PRO B 461 40.87 -16.12 27.40
C PRO B 461 39.35 -16.24 27.58
N ASN B 462 38.62 -15.49 26.74
CA ASN B 462 37.20 -15.73 26.55
C ASN B 462 36.91 -15.75 25.05
N ALA B 463 35.74 -16.29 24.69
CA ALA B 463 35.40 -16.43 23.27
C ALA B 463 35.16 -15.08 22.61
N LYS B 464 34.50 -14.17 23.32
CA LYS B 464 33.96 -12.97 22.68
C LYS B 464 35.08 -12.07 22.18
N GLN B 465 36.08 -11.81 23.02
CA GLN B 465 37.14 -10.90 22.59
C GLN B 465 37.97 -11.49 21.46
N MET B 466 38.03 -12.80 21.33
CA MET B 466 38.73 -13.42 20.20
C MET B 466 38.00 -13.14 18.90
N ASN B 467 36.74 -13.55 18.83
CA ASN B 467 35.89 -13.24 17.69
C ASN B 467 35.94 -11.74 17.37
N LEU B 468 35.81 -10.89 18.40
CA LEU B 468 35.88 -9.46 18.15
C LEU B 468 37.24 -9.04 17.62
N GLY B 469 38.32 -9.70 18.05
CA GLY B 469 39.63 -9.35 17.54
C GLY B 469 39.82 -9.74 16.09
N MET B 470 39.17 -10.83 15.66
CA MET B 470 39.21 -11.18 14.24
C MET B 470 38.33 -10.27 13.38
N ILE B 471 37.21 -9.78 13.91
CA ILE B 471 36.29 -8.98 13.10
C ILE B 471 36.90 -7.61 12.80
N PHE B 472 37.65 -7.06 13.73
CA PHE B 472 38.47 -5.87 13.49
C PHE B 472 39.92 -6.34 13.43
N ASN B 473 40.40 -6.64 12.22
CA ASN B 473 41.70 -7.26 12.02
C ASN B 473 42.51 -6.59 13.13
N ARG B 474 43.04 -7.40 14.07
CA ARG B 474 43.58 -6.91 15.35
C ARG B 474 44.87 -7.70 15.51
N GLY B 475 45.97 -6.97 15.73
CA GLY B 475 47.24 -7.61 15.96
C GLY B 475 47.22 -8.46 17.22
N ASP B 476 48.08 -9.47 17.22
CA ASP B 476 48.21 -10.33 18.39
C ASP B 476 48.45 -9.51 19.65
N GLY B 477 49.28 -8.48 19.54
CA GLY B 477 49.48 -7.60 20.68
C GLY B 477 48.21 -6.87 21.09
N ALA B 478 47.37 -6.51 20.11
CA ALA B 478 46.11 -5.85 20.43
C ALA B 478 45.15 -6.81 21.12
N VAL B 479 45.10 -8.05 20.63
CA VAL B 479 44.31 -9.08 21.28
C VAL B 479 44.70 -9.16 22.75
N ALA B 480 46.01 -9.19 23.04
CA ALA B 480 46.49 -9.28 24.41
C ALA B 480 46.02 -8.10 25.25
N ASP B 481 46.16 -6.87 24.73
CA ASP B 481 45.63 -5.71 25.45
C ASP B 481 44.10 -5.68 25.50
N SER B 482 43.42 -6.70 24.98
CA SER B 482 42.00 -6.90 25.24
C SER B 482 41.73 -7.98 26.29
N LEU B 483 42.72 -8.82 26.59
CA LEU B 483 42.59 -9.83 27.64
C LEU B 483 43.58 -9.63 28.78
N GLY B 484 44.34 -8.52 28.80
CA GLY B 484 45.43 -8.30 29.75
C GLY B 484 46.44 -9.43 29.81
N MET B 485 47.28 -9.57 28.77
CA MET B 485 48.09 -10.78 28.62
C MET B 485 49.56 -10.43 28.44
N PRO B 486 50.46 -11.45 28.25
CA PRO B 486 51.87 -11.14 27.95
C PRO B 486 52.10 -10.36 26.66
N TRP B 487 52.31 -9.05 26.76
CA TRP B 487 52.74 -8.24 25.60
C TRP B 487 53.69 -7.10 25.96
N LYS B 504 54.14 -6.05 22.08
CA LYS B 504 53.18 -5.88 20.99
C LYS B 504 52.98 -7.25 20.35
N ALA B 505 53.66 -8.24 20.94
CA ALA B 505 53.46 -9.66 20.65
C ALA B 505 53.29 -10.42 21.96
N GLY B 506 54.10 -11.43 22.18
CA GLY B 506 54.08 -12.16 23.44
C GLY B 506 53.51 -13.56 23.30
N ARG B 507 53.89 -14.43 24.23
CA ARG B 507 53.43 -15.81 24.24
C ARG B 507 52.23 -15.95 25.15
N GLU B 508 51.70 -17.17 25.17
CA GLU B 508 50.54 -17.46 26.00
C GLU B 508 49.33 -16.72 25.43
N ALA B 509 49.52 -15.48 24.94
CA ALA B 509 48.56 -14.89 24.01
C ALA B 509 48.71 -15.49 22.62
N LYS B 510 49.95 -15.51 22.10
CA LYS B 510 50.15 -16.14 20.79
C LYS B 510 49.75 -17.60 20.79
N SER B 511 49.70 -18.23 21.96
CA SER B 511 49.34 -19.65 21.92
C SER B 511 47.84 -19.85 21.84
N ILE B 512 47.06 -18.98 22.48
CA ILE B 512 45.61 -19.14 22.42
C ILE B 512 45.09 -18.73 21.03
N ILE B 513 45.70 -17.68 20.47
CA ILE B 513 45.34 -17.26 19.11
C ILE B 513 45.54 -18.41 18.11
N ALA B 514 46.73 -19.01 18.13
CA ALA B 514 46.98 -20.14 17.23
C ALA B 514 46.05 -21.31 17.52
N ALA B 515 45.65 -21.46 18.79
CA ALA B 515 44.70 -22.51 19.15
C ALA B 515 43.30 -22.17 18.66
N TYR B 516 42.94 -20.89 18.67
CA TYR B 516 41.70 -20.45 18.05
C TYR B 516 41.65 -20.92 16.61
N HIS B 517 42.74 -20.72 15.88
CA HIS B 517 42.70 -20.95 14.46
C HIS B 517 42.71 -22.42 14.08
N SER B 518 43.31 -23.28 14.91
CA SER B 518 43.23 -24.72 14.64
C SER B 518 41.82 -25.25 14.82
N GLN B 519 40.99 -24.58 15.63
CA GLN B 519 39.67 -25.10 15.98
C GLN B 519 38.51 -24.29 15.46
N ILE B 520 38.71 -23.04 15.04
CA ILE B 520 37.68 -22.31 14.31
C ILE B 520 38.16 -22.10 12.89
N GLN B 521 37.95 -23.11 12.03
CA GLN B 521 38.52 -23.05 10.69
C GLN B 521 37.80 -22.01 9.85
N GLY B 522 38.58 -21.26 9.05
CA GLY B 522 38.07 -20.31 8.10
C GLY B 522 38.34 -18.86 8.47
N VAL B 523 38.42 -18.56 9.77
CA VAL B 523 38.64 -17.18 10.20
C VAL B 523 39.94 -16.63 9.62
N LYS B 524 41.04 -17.36 9.82
CA LYS B 524 42.30 -16.87 9.30
C LYS B 524 42.28 -16.78 7.77
N THR B 525 41.81 -17.85 7.09
CA THR B 525 41.87 -17.83 5.64
C THR B 525 40.99 -16.72 5.05
N LEU B 526 39.88 -16.36 5.72
CA LEU B 526 39.11 -15.19 5.30
C LEU B 526 39.94 -13.92 5.35
N ALA B 527 40.75 -13.75 6.40
CA ALA B 527 41.54 -12.54 6.53
C ALA B 527 42.66 -12.50 5.49
N THR B 528 43.28 -13.65 5.21
CA THR B 528 44.41 -13.60 4.30
C THR B 528 43.97 -13.56 2.84
N ARG B 529 42.88 -14.26 2.50
CA ARG B 529 42.39 -14.20 1.14
C ARG B 529 41.94 -12.79 0.80
N ALA B 530 41.34 -12.09 1.77
CA ALA B 530 40.97 -10.70 1.55
C ALA B 530 42.22 -9.84 1.39
N GLN B 531 43.22 -10.05 2.26
CA GLN B 531 44.41 -9.21 2.22
C GLN B 531 45.18 -9.36 0.91
N LYS B 532 45.33 -10.58 0.41
CA LYS B 532 46.12 -10.67 -0.82
C LYS B 532 45.35 -10.18 -2.03
N ILE B 533 44.06 -10.50 -2.15
CA ILE B 533 43.31 -10.06 -3.32
C ILE B 533 43.29 -8.55 -3.39
N ALA B 534 43.13 -7.89 -2.25
CA ALA B 534 43.25 -6.44 -2.18
C ALA B 534 44.64 -5.97 -2.61
N GLU B 535 45.68 -6.72 -2.27
CA GLU B 535 47.01 -6.27 -2.65
C GLU B 535 47.26 -6.48 -4.13
N GLU B 536 46.69 -7.51 -4.73
CA GLU B 536 46.98 -7.78 -6.14
C GLU B 536 46.09 -6.95 -7.04
N ARG B 537 44.78 -7.06 -6.87
CA ARG B 537 43.81 -6.36 -7.69
C ARG B 537 43.66 -4.90 -7.31
N GLY B 538 44.07 -4.53 -6.09
CA GLY B 538 43.85 -3.21 -5.57
C GLY B 538 42.51 -3.03 -4.90
N TRP B 539 41.63 -4.01 -4.97
CA TRP B 539 40.30 -3.87 -4.41
C TRP B 539 39.66 -5.24 -4.21
N ILE B 540 38.74 -5.29 -3.25
CA ILE B 540 37.78 -6.36 -3.11
C ILE B 540 36.39 -5.74 -3.17
N GLN B 541 35.34 -6.56 -3.11
CA GLN B 541 34.00 -6.03 -3.28
C GLN B 541 33.00 -6.87 -2.52
N THR B 542 31.86 -6.27 -2.21
CA THR B 542 30.83 -7.01 -1.53
C THR B 542 30.01 -7.78 -2.56
N ALA B 543 29.04 -8.57 -2.08
CA ALA B 543 28.11 -9.23 -2.98
C ALA B 543 27.32 -8.23 -3.83
N HIS B 544 27.00 -7.06 -3.28
CA HIS B 544 26.27 -6.02 -4.01
C HIS B 544 27.15 -5.22 -4.96
N GLY B 545 28.46 -5.45 -4.99
CA GLY B 545 29.34 -4.74 -5.88
C GLY B 545 30.08 -3.57 -5.28
N ARG B 546 29.74 -3.15 -4.08
CA ARG B 546 30.45 -2.04 -3.43
C ARG B 546 31.95 -2.32 -3.40
N ARG B 547 32.74 -1.39 -3.94
CA ARG B 547 34.16 -1.65 -4.15
C ARG B 547 34.98 -1.09 -3.00
N LEU B 548 35.65 -1.97 -2.27
CA LEU B 548 36.55 -1.55 -1.19
C LEU B 548 37.96 -1.45 -1.75
N ARG B 549 38.47 -0.23 -1.85
CA ARG B 549 39.75 0.02 -2.53
C ARG B 549 40.90 0.11 -1.54
N PHE B 550 42.08 -0.32 -1.99
CA PHE B 550 43.31 -0.28 -1.19
C PHE B 550 44.47 0.19 -2.05
N PRO B 551 44.62 1.49 -2.23
CA PRO B 551 45.66 2.01 -3.12
C PRO B 551 47.05 1.71 -2.57
N ASN B 552 47.91 1.17 -3.43
CA ASN B 552 49.26 0.74 -3.04
C ASN B 552 49.21 -0.23 -1.85
N GLY B 553 48.15 -1.04 -1.82
CA GLY B 553 47.96 -1.97 -0.73
C GLY B 553 47.87 -1.34 0.63
N TYR B 554 47.67 -0.02 0.70
CA TYR B 554 47.66 0.66 1.99
C TYR B 554 46.56 0.10 2.87
N LYS B 555 46.94 -0.41 4.04
CA LYS B 555 46.01 -0.92 5.04
C LYS B 555 45.28 -2.17 4.54
N SER B 556 45.94 -2.95 3.67
CA SER B 556 45.30 -4.15 3.14
C SER B 556 45.12 -5.21 4.21
N TYR B 557 45.83 -5.09 5.34
CA TYR B 557 45.62 -6.02 6.44
C TYR B 557 44.24 -5.85 7.07
N LYS B 558 43.54 -4.75 6.79
CA LYS B 558 42.22 -4.48 7.33
C LYS B 558 41.07 -5.06 6.49
N ALA B 559 41.36 -5.70 5.35
CA ALA B 559 40.38 -5.88 4.29
C ALA B 559 39.20 -6.77 4.70
N SER B 560 39.47 -7.94 5.28
CA SER B 560 38.36 -8.75 5.80
C SER B 560 37.49 -7.94 6.78
N GLY B 561 38.12 -7.14 7.63
CA GLY B 561 37.34 -6.39 8.60
C GLY B 561 36.44 -5.36 7.94
N ILE B 562 36.95 -4.67 6.92
CA ILE B 562 36.14 -3.73 6.14
C ILE B 562 35.11 -4.46 5.31
N LEU B 563 35.46 -5.66 4.81
CA LEU B 563 34.50 -6.45 4.05
C LEU B 563 33.27 -6.78 4.90
N ILE B 564 33.50 -7.12 6.19
CA ILE B 564 32.39 -7.38 7.11
C ILE B 564 31.53 -6.13 7.25
N GLN B 565 32.17 -5.00 7.57
CA GLN B 565 31.43 -3.75 7.82
C GLN B 565 30.63 -3.33 6.60
N ALA B 566 31.21 -3.45 5.40
CA ALA B 566 30.55 -3.01 4.19
C ALA B 566 29.44 -3.97 3.75
N THR B 567 29.62 -5.27 3.97
CA THR B 567 28.50 -6.18 3.79
C THR B 567 27.33 -5.83 4.72
N ALA B 568 27.64 -5.44 5.96
CA ALA B 568 26.55 -5.07 6.88
C ALA B 568 25.85 -3.80 6.41
N ALA B 569 26.63 -2.84 5.92
CA ALA B 569 26.06 -1.64 5.34
C ALA B 569 25.05 -2.00 4.24
N ASP B 570 25.46 -2.86 3.29
CA ASP B 570 24.56 -3.27 2.22
C ASP B 570 23.29 -3.88 2.75
N GLU B 571 23.41 -4.74 3.76
CA GLU B 571 22.21 -5.39 4.26
C GLU B 571 21.40 -4.45 5.11
N ASN B 572 22.04 -3.52 5.81
CA ASN B 572 21.26 -2.47 6.47
C ASN B 572 20.37 -1.74 5.46
N LYS B 573 20.90 -1.43 4.28
CA LYS B 573 20.10 -0.72 3.27
C LYS B 573 19.02 -1.62 2.68
N GLU B 574 19.33 -2.90 2.49
CA GLU B 574 18.34 -3.84 2.03
C GLU B 574 17.16 -3.94 3.01
N ASN B 575 17.43 -3.72 4.30
CA ASN B 575 16.37 -3.76 5.30
C ASN B 575 15.47 -2.53 5.20
N TRP B 576 16.06 -1.36 4.92
CA TRP B 576 15.25 -0.19 4.66
C TRP B 576 14.30 -0.44 3.50
N LEU B 577 14.81 -1.04 2.42
CA LEU B 577 13.95 -1.32 1.29
C LEU B 577 12.84 -2.29 1.67
N ARG B 578 13.20 -3.40 2.32
CA ARG B 578 12.21 -4.40 2.69
C ARG B 578 11.15 -3.83 3.64
N ILE B 579 11.56 -3.01 4.62
CA ILE B 579 10.62 -2.52 5.62
C ILE B 579 9.63 -1.55 5.00
N GLU B 580 10.13 -0.56 4.26
CA GLU B 580 9.24 0.35 3.53
C GLU B 580 8.18 -0.43 2.74
N ASP B 581 8.61 -1.42 1.95
CA ASP B 581 7.65 -2.18 1.15
C ASP B 581 6.69 -2.98 2.01
N ALA B 582 7.20 -3.71 3.00
CA ALA B 582 6.33 -4.56 3.80
C ALA B 582 5.29 -3.72 4.52
N LEU B 583 5.69 -2.53 4.99
CA LEU B 583 4.78 -1.69 5.75
C LEU B 583 3.62 -1.23 4.88
N GLY B 584 3.93 -0.74 3.69
CA GLY B 584 2.89 -0.27 2.79
C GLY B 584 2.21 0.94 3.39
N SER B 585 0.89 1.02 3.23
CA SER B 585 0.13 2.13 3.76
C SER B 585 -0.31 1.91 5.20
N ASP B 586 0.24 0.92 5.88
CA ASP B 586 -0.20 0.54 7.22
C ASP B 586 0.68 1.12 8.31
N GLY B 587 1.66 1.94 7.94
CA GLY B 587 2.70 2.34 8.86
C GLY B 587 3.90 2.87 8.10
N SER B 588 4.80 3.50 8.83
CA SER B 588 5.96 4.10 8.20
C SER B 588 7.17 3.84 9.07
N MET B 589 8.34 3.89 8.44
CA MET B 589 9.58 3.78 9.20
C MET B 589 9.89 5.10 9.87
N ILE B 590 10.22 5.05 11.16
CA ILE B 590 10.57 6.28 11.87
C ILE B 590 12.06 6.52 11.79
N LEU B 591 12.86 5.58 12.33
CA LEU B 591 14.31 5.75 12.27
C LEU B 591 15.01 4.41 12.47
N ASN B 592 16.32 4.41 12.21
CA ASN B 592 17.18 3.24 12.36
C ASN B 592 18.44 3.69 13.06
N THR B 593 18.63 3.24 14.30
CA THR B 593 19.85 3.49 15.05
C THR B 593 20.54 2.16 15.32
N HIS B 594 21.73 1.99 14.74
CA HIS B 594 22.58 0.80 14.93
C HIS B 594 21.88 -0.38 14.27
N ASP B 595 21.48 -1.40 15.03
CA ASP B 595 20.84 -2.58 14.48
C ASP B 595 19.37 -2.62 14.86
N SER B 596 18.82 -1.51 15.31
CA SER B 596 17.43 -1.41 15.72
C SER B 596 16.66 -0.57 14.71
N TYR B 597 15.43 -1.00 14.42
CA TYR B 597 14.56 -0.34 13.45
C TYR B 597 13.26 0.05 14.15
N SER B 598 12.85 1.31 13.98
CA SER B 598 11.71 1.86 14.69
C SER B 598 10.65 2.22 13.67
N MET B 599 9.43 1.73 13.91
CA MET B 599 8.34 1.89 12.97
C MET B 599 7.13 2.48 13.68
N SER B 600 6.41 3.31 12.92
CA SER B 600 5.08 3.78 13.30
C SER B 600 4.06 2.86 12.63
N VAL B 601 3.13 2.29 13.40
CA VAL B 601 2.21 1.30 12.88
C VAL B 601 0.79 1.57 13.35
N ASP B 602 -0.18 1.20 12.52
CA ASP B 602 -1.58 1.33 12.90
C ASP B 602 -1.84 0.57 14.20
N GLU B 603 -2.85 1.01 14.95
CA GLU B 603 -3.13 0.44 16.26
C GLU B 603 -3.26 -1.07 16.20
N ASN B 604 -3.72 -1.61 15.06
CA ASN B 604 -3.87 -3.05 14.83
C ASN B 604 -2.54 -3.60 14.32
N TRP B 605 -1.62 -3.88 15.25
CA TRP B 605 -0.21 -3.93 14.89
C TRP B 605 0.34 -5.34 14.68
N LYS B 606 -0.18 -6.34 15.38
CA LYS B 606 0.32 -7.71 15.21
C LYS B 606 0.28 -8.17 13.76
N PRO B 607 -0.77 -7.91 12.96
CA PRO B 607 -0.71 -8.35 11.56
C PRO B 607 0.35 -7.63 10.75
N ILE B 608 0.56 -6.33 11.00
CA ILE B 608 1.58 -5.59 10.28
C ILE B 608 2.98 -6.10 10.63
N TRP B 609 3.22 -6.31 11.92
CA TRP B 609 4.54 -6.72 12.38
C TRP B 609 4.98 -8.04 11.76
N GLU B 610 4.10 -9.05 11.75
CA GLU B 610 4.47 -10.33 11.14
C GLU B 610 4.87 -10.13 9.69
N ARG B 611 4.06 -9.38 8.93
CA ARG B 611 4.36 -9.12 7.54
C ARG B 611 5.76 -8.49 7.39
N VAL B 612 6.13 -7.61 8.32
CA VAL B 612 7.45 -6.99 8.31
C VAL B 612 8.54 -8.02 8.67
N LYS B 613 8.29 -8.82 9.70
CA LYS B 613 9.30 -9.78 10.15
C LYS B 613 9.55 -10.85 9.08
N LYS B 614 8.49 -11.30 8.43
CA LYS B 614 8.60 -12.28 7.37
C LYS B 614 9.41 -11.73 6.20
N ALA B 615 9.20 -10.45 5.86
CA ALA B 615 9.82 -9.84 4.70
C ALA B 615 11.29 -9.56 4.92
N VAL B 616 11.69 -9.22 6.16
CA VAL B 616 13.08 -8.86 6.44
C VAL B 616 13.92 -10.10 6.65
N GLU B 617 13.39 -11.08 7.40
CA GLU B 617 14.10 -12.33 7.65
C GLU B 617 14.23 -13.13 6.38
N ARG B 618 15.44 -13.60 6.10
CA ARG B 618 15.77 -14.12 4.79
C ARG B 618 17.01 -15.01 4.91
N GLN B 619 17.09 -16.00 4.05
CA GLN B 619 18.28 -16.85 3.96
C GLN B 619 19.05 -16.53 2.68
N THR B 620 19.13 -15.25 2.35
CA THR B 620 19.99 -14.82 1.26
C THR B 620 21.47 -15.00 1.59
N LEU B 621 21.83 -15.10 2.86
CA LEU B 621 23.21 -15.39 3.26
C LEU B 621 23.32 -16.82 3.76
N ARG B 622 24.57 -17.26 3.99
CA ARG B 622 24.86 -18.60 4.49
C ARG B 622 24.44 -18.78 5.93
N VAL B 623 23.92 -17.72 6.53
CA VAL B 623 23.48 -17.69 7.92
C VAL B 623 22.15 -16.94 7.88
N PRO B 624 21.17 -17.28 8.71
CA PRO B 624 19.91 -16.54 8.67
C PRO B 624 20.08 -15.14 9.26
N LEU B 625 19.18 -14.27 8.87
CA LEU B 625 19.04 -12.94 9.48
C LEU B 625 17.71 -12.91 10.22
N LEU B 626 17.77 -12.62 11.51
CA LEU B 626 16.55 -12.55 12.32
C LEU B 626 16.28 -11.11 12.74
N LEU B 627 15.06 -10.67 12.50
CA LEU B 627 14.55 -9.42 13.03
C LEU B 627 13.70 -9.75 14.26
N GLU B 628 14.18 -9.37 15.45
CA GLU B 628 13.58 -9.76 16.73
C GLU B 628 12.75 -8.64 17.33
N PHE B 629 11.46 -8.91 17.57
CA PHE B 629 10.54 -7.93 18.15
C PHE B 629 10.98 -7.50 19.55
N ASP B 630 10.94 -6.19 19.80
CA ASP B 630 11.28 -5.66 21.11
C ASP B 630 10.08 -5.14 21.89
N GLY B 631 9.30 -4.22 21.32
CA GLY B 631 8.13 -3.75 22.02
C GLY B 631 7.31 -2.78 21.19
N VAL B 632 6.10 -2.51 21.68
CA VAL B 632 5.24 -1.45 21.16
C VAL B 632 4.87 -0.53 22.30
N GLY B 633 4.83 0.76 22.02
CA GLY B 633 4.39 1.71 23.02
C GLY B 633 3.92 2.97 22.33
N LYS B 634 3.61 3.97 23.16
CA LYS B 634 3.15 5.27 22.71
C LYS B 634 4.30 6.22 22.39
N ASN B 635 5.52 5.89 22.79
CA ASN B 635 6.71 6.61 22.38
C ASN B 635 7.89 5.65 22.41
N TRP B 636 9.06 6.17 22.05
CA TRP B 636 10.24 5.33 21.83
C TRP B 636 10.66 4.62 23.11
N ALA B 637 10.72 5.35 24.22
CA ALA B 637 11.11 4.74 25.49
C ALA B 637 10.15 3.62 25.92
N GLU B 638 8.84 3.83 25.72
CA GLU B 638 7.86 2.82 26.10
C GLU B 638 7.97 1.56 25.25
N ALA B 639 8.20 1.71 23.95
CA ALA B 639 8.46 0.57 23.08
C ALA B 639 9.64 -0.25 23.59
N LYS B 640 10.73 0.42 23.94
CA LYS B 640 11.87 -0.24 24.56
C LYS B 640 11.57 -0.70 25.98
N GLY B 641 10.60 -0.10 26.66
CA GLY B 641 10.27 -0.48 28.01
C GLY B 641 11.12 0.11 29.11
N LEU B 642 11.22 1.44 29.20
CA LEU B 642 11.99 2.07 30.28
C LEU B 642 11.18 3.13 31.05
#